data_6SEB
#
_entry.id   6SEB
#
_cell.length_a   137.069
_cell.length_b   137.069
_cell.length_c   126.795
_cell.angle_alpha   90.000
_cell.angle_beta   90.000
_cell.angle_gamma   120.000
#
_symmetry.space_group_name_H-M   'P 31 2 1'
#
loop_
_entity.id
_entity.type
_entity.pdbx_description
1 polymer Beta-galactosidase
2 non-polymer '1-methylethyl 1-thio-beta-D-galactopyranoside'
3 non-polymer 'ACETATE ION'
4 non-polymer 'SODIUM ION'
5 non-polymer 'FORMIC ACID'
6 water water
#
_entity_poly.entity_id   1
_entity_poly.type   'polypeptide(L)'
_entity_poly.pdbx_seq_one_letter_code
;MSVETPSALADSSPHTAPGSAGRSLELGAADIQDLESFEAGRGALPARAYLQSDAPRLSLNGEWQFRLSPGSRVAPDDGW
QLGEALNGFESLPVPSSWPMHGHGAPAYTNVQFPFAVEPPHVPEANPIGDHLVVFEAGPEFFPHALLRFDGIESAGTVWL
NGVELGTTRGSRLAHEFDVSGILEQGENTLAVRVAQFSAASYVEDQDMWWLPGIFRDVTLQARPAAGIDDVFVHAGYDHI
TGEGILKVEASRGGQAIDAVVRVPELALELAAGTEVRVPAVEPWSAEVPKLYEAAVSAAGESVALQIGFRSIAIEDAQFK
VNGRRILLRGVNRHEHHPRLGRVVPRDVVEAELRLMKQHNINAIRTSHYPPHPQFLALADQLGFYVVLECDLETHGFESA
GWAQNPSDDPQWEDALVDRMRRTVERDKNHASVVMWSLGNEAGTGRNLAAMSRWTKDRDPSRPIHYEGDWSSEHVDVYSR
MYASQAETALIGQGIEPALNDAALDARRRAMPFVLCEYVHAMGNGPGGMSEYQALFEKYPRLMGGFVWEWLEHGITVSTA
DGVDHYGYGGDFGEEVHDGNFVTDGLVDADRRPRPGLLDFKKVIEPLRIDVARDWTGFTLRNGQDFADTSAFSFRYEVEA
DGGALDGGTVDVAPVAPQSETVVELPGSVAALAAGLSDGRPAVLTVRAVLGADSAWADAGHEVAWGQSVREPGAPVPPAP
VEPVQVQDSELTLGPVVFSRATGMPTSIGGVPVEKLGLTLWWAPTDNDLGREWGGADERPLATQWKDAGLNRLHTRLLGI
SANPGQDGGETLTVRTRVSAADKQYGVLVDYTWSTDGETVGLRTQVRRDGTWVNRGFEVEWARIGLEFVLGEETELVSWF
GQGPHQSYPDTGQGARAGWFSLPLAKMDVEYVRPQECGARSGSRSAALQLGGRTLEICGDPFALTVRPYSQDVLDAAAHR
PDLKADGRTYLYVDHALRGVGTAACGPGVLEQYRLKPRDADFILTLKVRS
;
_entity_poly.pdbx_strand_id   A
#
# COMPACT_ATOMS: atom_id res chain seq x y z
N GLY A 22 -54.43 -8.69 -19.73
CA GLY A 22 -53.29 -8.50 -18.84
C GLY A 22 -52.11 -9.37 -19.19
N ARG A 23 -51.84 -9.47 -20.48
CA ARG A 23 -50.75 -10.28 -21.02
C ARG A 23 -49.40 -9.64 -20.74
N SER A 24 -48.47 -10.42 -20.14
CA SER A 24 -47.13 -9.92 -19.84
C SER A 24 -46.16 -10.24 -20.98
N LEU A 25 -45.56 -9.19 -21.57
CA LEU A 25 -44.80 -9.32 -22.82
C LEU A 25 -43.31 -9.04 -22.70
N GLU A 26 -42.81 -8.71 -21.51
CA GLU A 26 -41.40 -8.41 -21.36
C GLU A 26 -40.56 -9.69 -21.49
N LEU A 27 -39.32 -9.52 -21.93
CA LEU A 27 -38.40 -10.61 -22.24
C LEU A 27 -37.43 -10.84 -21.09
N GLY A 28 -37.13 -12.12 -20.84
CA GLY A 28 -36.06 -12.44 -19.91
C GLY A 28 -36.40 -12.22 -18.45
N ALA A 29 -37.69 -12.24 -18.10
CA ALA A 29 -38.10 -11.99 -16.73
C ALA A 29 -37.61 -13.07 -15.76
N ALA A 30 -37.32 -14.27 -16.27
CA ALA A 30 -36.94 -15.37 -15.39
C ALA A 30 -35.45 -15.30 -15.04
N ASP A 31 -34.59 -15.07 -16.03
CA ASP A 31 -33.18 -14.79 -15.76
C ASP A 31 -33.05 -13.64 -14.78
N ILE A 32 -33.84 -12.58 -14.96
CA ILE A 32 -33.70 -11.39 -14.14
C ILE A 32 -34.19 -11.67 -12.73
N GLN A 33 -35.26 -12.46 -12.62
CA GLN A 33 -35.75 -12.79 -11.29
C GLN A 33 -34.73 -13.59 -10.48
N ASP A 34 -34.00 -14.50 -11.14
CA ASP A 34 -32.90 -15.19 -10.45
C ASP A 34 -31.77 -14.23 -10.09
N LEU A 35 -31.39 -13.33 -11.00
CA LEU A 35 -30.35 -12.34 -10.69
C LEU A 35 -30.73 -11.49 -9.48
N GLU A 36 -32.01 -11.20 -9.30
CA GLU A 36 -32.54 -10.40 -8.20
C GLU A 36 -32.77 -11.18 -6.92
N SER A 37 -32.33 -12.45 -6.86
CA SER A 37 -32.64 -13.30 -5.72
C SER A 37 -31.82 -12.91 -4.49
N PHE A 38 -32.48 -12.95 -3.31
CA PHE A 38 -31.83 -12.76 -2.02
C PHE A 38 -31.10 -13.99 -1.49
N GLU A 39 -31.23 -15.13 -2.15
CA GLU A 39 -30.69 -16.38 -1.62
C GLU A 39 -29.25 -16.58 -2.06
N ALA A 40 -28.54 -17.43 -1.33
CA ALA A 40 -27.25 -17.87 -1.82
C ALA A 40 -27.45 -18.75 -3.07
N GLY A 41 -26.35 -19.12 -3.70
CA GLY A 41 -26.46 -20.02 -4.84
C GLY A 41 -27.20 -21.30 -4.49
N ARG A 42 -27.87 -21.87 -5.47
CA ARG A 42 -28.56 -23.13 -5.24
C ARG A 42 -27.76 -24.29 -5.80
N GLY A 43 -27.99 -25.47 -5.23
CA GLY A 43 -27.51 -26.73 -5.77
C GLY A 43 -26.12 -27.17 -5.37
N ALA A 44 -25.38 -26.36 -4.61
CA ALA A 44 -23.99 -26.67 -4.30
C ALA A 44 -23.86 -27.54 -3.05
N LEU A 45 -22.77 -28.27 -2.99
CA LEU A 45 -22.43 -29.10 -1.84
C LEU A 45 -22.11 -28.22 -0.63
N PRO A 46 -22.06 -28.80 0.57
CA PRO A 46 -21.76 -28.00 1.76
C PRO A 46 -20.37 -27.37 1.69
N ALA A 47 -20.27 -26.13 2.18
CA ALA A 47 -18.99 -25.46 2.23
C ALA A 47 -18.00 -26.27 3.07
N ARG A 48 -16.74 -26.26 2.66
CA ARG A 48 -15.71 -27.02 3.36
C ARG A 48 -14.37 -26.34 3.20
N ALA A 49 -13.37 -26.88 3.90
CA ALA A 49 -11.99 -26.47 3.71
C ALA A 49 -11.47 -26.80 2.31
N TYR A 50 -10.61 -25.94 1.80
CA TYR A 50 -9.80 -26.25 0.64
C TYR A 50 -8.63 -27.13 1.09
N LEU A 51 -8.61 -28.38 0.62
CA LEU A 51 -7.68 -29.39 1.13
C LEU A 51 -6.86 -30.00 0.01
N GLN A 52 -5.59 -30.27 0.30
CA GLN A 52 -4.69 -30.98 -0.61
C GLN A 52 -4.91 -32.48 -0.44
N SER A 53 -5.41 -33.14 -1.49
CA SER A 53 -5.85 -34.52 -1.40
C SER A 53 -5.14 -35.40 -2.42
N ASP A 54 -4.95 -36.67 -2.10
CA ASP A 54 -4.42 -37.57 -3.12
C ASP A 54 -5.47 -37.98 -4.13
N ALA A 55 -6.71 -37.54 -3.98
CA ALA A 55 -7.78 -37.84 -4.92
C ALA A 55 -7.43 -37.30 -6.31
N PRO A 56 -7.87 -37.98 -7.37
CA PRO A 56 -7.61 -37.48 -8.72
C PRO A 56 -8.29 -36.13 -8.97
N ARG A 57 -7.60 -35.27 -9.72
CA ARG A 57 -8.11 -33.95 -10.05
C ARG A 57 -7.69 -33.60 -11.47
N LEU A 58 -8.55 -32.85 -12.16
CA LEU A 58 -8.24 -32.37 -13.50
C LEU A 58 -8.62 -30.89 -13.57
N SER A 59 -7.63 -30.03 -13.80
CA SER A 59 -7.88 -28.60 -13.92
C SER A 59 -8.45 -28.30 -15.30
N LEU A 60 -9.61 -27.65 -15.35
CA LEU A 60 -10.24 -27.25 -16.59
C LEU A 60 -9.80 -25.87 -17.07
N ASN A 61 -8.74 -25.31 -16.48
CA ASN A 61 -8.22 -24.03 -16.93
C ASN A 61 -7.64 -24.16 -18.33
N GLY A 62 -7.73 -23.09 -19.08
CA GLY A 62 -7.21 -23.04 -20.44
C GLY A 62 -8.08 -22.14 -21.29
N GLU A 63 -8.17 -22.48 -22.58
CA GLU A 63 -8.90 -21.65 -23.53
C GLU A 63 -10.33 -22.18 -23.64
N TRP A 64 -11.28 -21.33 -23.26
CA TRP A 64 -12.71 -21.59 -23.34
C TRP A 64 -13.27 -20.82 -24.52
N GLN A 65 -14.55 -21.03 -24.79
CA GLN A 65 -15.28 -20.21 -25.74
C GLN A 65 -16.21 -19.25 -24.99
N PHE A 66 -16.36 -18.04 -25.53
CA PHE A 66 -16.97 -16.92 -24.81
C PHE A 66 -17.88 -16.12 -25.74
N ARG A 67 -19.11 -15.86 -25.29
CA ARG A 67 -20.00 -14.95 -26.00
C ARG A 67 -20.54 -13.94 -25.01
N LEU A 68 -20.44 -12.66 -25.36
CA LEU A 68 -20.94 -11.56 -24.54
C LEU A 68 -22.24 -11.02 -25.13
N SER A 69 -23.27 -10.94 -24.30
CA SER A 69 -24.51 -10.22 -24.59
C SER A 69 -24.68 -9.10 -23.58
N PRO A 70 -25.36 -8.01 -23.95
CA PRO A 70 -25.38 -6.81 -23.08
C PRO A 70 -26.42 -6.80 -21.97
N GLY A 71 -27.35 -7.75 -21.94
CA GLY A 71 -28.34 -7.79 -20.87
C GLY A 71 -29.02 -9.14 -20.86
N SER A 72 -29.75 -9.40 -19.76
CA SER A 72 -30.46 -10.67 -19.64
C SER A 72 -31.55 -10.80 -20.71
N ARG A 73 -32.25 -9.70 -20.99
CA ARG A 73 -33.41 -9.75 -21.89
C ARG A 73 -33.03 -10.08 -23.32
N VAL A 74 -31.79 -9.83 -23.74
CA VAL A 74 -31.33 -10.14 -25.09
C VAL A 74 -30.25 -11.21 -25.10
N ALA A 75 -29.95 -11.81 -23.96
CA ALA A 75 -29.03 -12.94 -23.95
C ALA A 75 -29.72 -14.17 -24.54
N PRO A 76 -29.11 -14.83 -25.52
CA PRO A 76 -29.82 -15.88 -26.26
C PRO A 76 -30.06 -17.14 -25.44
N ASP A 77 -31.27 -17.68 -25.56
CA ASP A 77 -31.61 -18.99 -25.02
CA ASP A 77 -31.61 -18.99 -25.02
C ASP A 77 -31.71 -19.97 -26.19
N ASP A 78 -30.55 -20.21 -26.82
CA ASP A 78 -30.47 -20.94 -28.08
C ASP A 78 -29.69 -22.25 -27.93
N GLY A 79 -29.83 -22.92 -26.80
CA GLY A 79 -29.22 -24.23 -26.61
C GLY A 79 -27.72 -24.26 -26.64
N TRP A 80 -27.06 -23.09 -26.53
CA TRP A 80 -25.61 -22.99 -26.57
C TRP A 80 -24.92 -23.90 -25.56
N GLN A 81 -25.57 -24.15 -24.40
CA GLN A 81 -24.97 -25.00 -23.37
C GLN A 81 -24.56 -26.37 -23.90
N LEU A 82 -25.18 -26.82 -24.98
CA LEU A 82 -24.88 -28.13 -25.53
C LEU A 82 -23.60 -28.15 -26.36
N GLY A 83 -22.98 -26.99 -26.60
CA GLY A 83 -21.71 -26.92 -27.30
C GLY A 83 -21.80 -27.07 -28.81
N GLU A 84 -22.98 -27.31 -29.35
CA GLU A 84 -23.22 -27.45 -30.78
C GLU A 84 -23.64 -26.10 -31.35
N ALA A 85 -23.28 -25.87 -32.60
CA ALA A 85 -23.69 -24.66 -33.33
C ALA A 85 -23.52 -23.40 -32.48
N LEU A 86 -22.26 -23.06 -32.24
CA LEU A 86 -21.94 -21.91 -31.41
C LEU A 86 -21.77 -20.69 -32.31
N ASN A 87 -22.88 -20.00 -32.53
CA ASN A 87 -22.88 -18.74 -33.26
C ASN A 87 -22.45 -17.63 -32.30
N GLY A 88 -21.27 -17.06 -32.52
CA GLY A 88 -20.85 -15.89 -31.81
C GLY A 88 -19.89 -16.10 -30.66
N PHE A 89 -19.31 -17.29 -30.54
CA PHE A 89 -18.34 -17.54 -29.49
C PHE A 89 -16.93 -17.33 -30.02
N GLU A 90 -16.00 -17.14 -29.10
CA GLU A 90 -14.61 -16.89 -29.45
C GLU A 90 -13.73 -17.27 -28.28
N SER A 91 -12.47 -17.55 -28.56
CA SER A 91 -11.56 -18.01 -27.53
C SER A 91 -11.37 -16.96 -26.45
N LEU A 92 -11.38 -17.40 -25.19
CA LEU A 92 -11.13 -16.55 -24.03
C LEU A 92 -10.46 -17.44 -22.99
N PRO A 93 -9.34 -17.02 -22.43
CA PRO A 93 -8.75 -17.80 -21.33
C PRO A 93 -9.66 -17.79 -20.11
N VAL A 94 -9.67 -18.93 -19.41
CA VAL A 94 -10.32 -19.07 -18.11
C VAL A 94 -9.28 -19.71 -17.20
N PRO A 95 -8.97 -19.15 -16.02
CA PRO A 95 -9.47 -17.93 -15.36
C PRO A 95 -9.21 -16.64 -16.12
N SER A 96 -10.16 -15.71 -16.03
CA SER A 96 -10.00 -14.37 -16.59
C SER A 96 -10.99 -13.43 -15.91
N SER A 97 -10.61 -12.14 -15.88
CA SER A 97 -11.54 -11.02 -15.72
C SER A 97 -11.78 -10.50 -17.13
N TRP A 98 -13.00 -10.69 -17.65
CA TRP A 98 -13.10 -10.60 -19.11
C TRP A 98 -12.99 -9.19 -19.70
N PRO A 99 -13.26 -8.09 -18.96
CA PRO A 99 -12.90 -6.77 -19.49
C PRO A 99 -11.41 -6.61 -19.79
N MET A 100 -10.54 -7.39 -19.12
CA MET A 100 -9.10 -7.28 -19.37
C MET A 100 -8.71 -7.84 -20.73
N HIS A 101 -9.61 -8.53 -21.41
CA HIS A 101 -9.35 -9.15 -22.70
C HIS A 101 -10.19 -8.53 -23.81
N GLY A 102 -10.61 -7.27 -23.64
CA GLY A 102 -11.27 -6.53 -24.69
C GLY A 102 -12.79 -6.61 -24.73
N HIS A 103 -13.41 -7.42 -23.88
CA HIS A 103 -14.87 -7.54 -23.83
C HIS A 103 -15.41 -6.51 -22.84
N GLY A 104 -15.89 -5.39 -23.37
CA GLY A 104 -16.27 -4.32 -22.49
C GLY A 104 -15.01 -3.65 -21.95
N ALA A 105 -15.16 -3.01 -20.80
CA ALA A 105 -14.05 -2.26 -20.23
C ALA A 105 -14.08 -2.39 -18.70
N PRO A 106 -12.93 -2.25 -18.06
CA PRO A 106 -12.94 -2.10 -16.59
C PRO A 106 -13.69 -0.84 -16.21
N ALA A 107 -14.30 -0.87 -15.02
CA ALA A 107 -14.92 0.34 -14.47
C ALA A 107 -14.56 0.47 -12.99
N TYR A 108 -14.16 1.67 -12.56
CA TYR A 108 -13.71 1.88 -11.20
CA TYR A 108 -13.71 1.88 -11.20
C TYR A 108 -14.63 2.86 -10.49
N THR A 109 -15.20 2.42 -9.37
CA THR A 109 -15.83 3.31 -8.40
C THR A 109 -15.28 2.99 -7.01
N ASN A 110 -15.22 4.02 -6.18
CA ASN A 110 -14.79 3.88 -4.80
C ASN A 110 -15.98 3.51 -3.93
N VAL A 111 -16.81 4.49 -3.59
CA VAL A 111 -17.99 4.26 -2.76
C VAL A 111 -19.25 4.13 -3.61
N GLN A 112 -19.38 4.95 -4.64
CA GLN A 112 -20.64 5.00 -5.36
C GLN A 112 -20.88 3.71 -6.14
N PHE A 113 -22.12 3.26 -6.14
CA PHE A 113 -22.49 2.17 -7.01
C PHE A 113 -22.56 2.68 -8.44
N PRO A 114 -22.24 1.84 -9.43
CA PRO A 114 -22.38 2.24 -10.83
C PRO A 114 -23.78 2.03 -11.40
N PHE A 115 -24.73 1.61 -10.57
CA PHE A 115 -26.11 1.40 -10.97
C PHE A 115 -27.01 2.08 -9.93
N ALA A 116 -28.24 2.33 -10.34
CA ALA A 116 -29.24 2.87 -9.43
C ALA A 116 -29.37 1.96 -8.21
N VAL A 117 -29.50 2.58 -7.04
CA VAL A 117 -29.55 1.85 -5.78
C VAL A 117 -31.02 1.56 -5.50
N GLU A 118 -31.45 0.32 -5.76
CA GLU A 118 -32.80 -0.15 -5.48
C GLU A 118 -32.71 -1.67 -5.32
N PRO A 119 -32.12 -2.17 -4.23
CA PRO A 119 -31.99 -3.61 -4.06
C PRO A 119 -33.35 -4.27 -4.04
N PRO A 120 -33.47 -5.46 -4.65
CA PRO A 120 -32.34 -6.20 -5.22
C PRO A 120 -32.24 -6.11 -6.75
N HIS A 121 -32.77 -5.04 -7.34
CA HIS A 121 -32.96 -4.99 -8.78
C HIS A 121 -31.67 -4.65 -9.49
N VAL A 122 -31.55 -5.15 -10.71
CA VAL A 122 -30.34 -4.97 -11.53
C VAL A 122 -30.62 -4.02 -12.70
N PRO A 123 -29.62 -3.31 -13.19
CA PRO A 123 -29.84 -2.42 -14.33
C PRO A 123 -30.08 -3.20 -15.62
N GLU A 124 -30.64 -2.49 -16.61
CA GLU A 124 -30.93 -3.13 -17.91
C GLU A 124 -29.66 -3.41 -18.68
N ALA A 125 -28.66 -2.53 -18.57
CA ALA A 125 -27.34 -2.79 -19.12
C ALA A 125 -26.55 -3.60 -18.10
N ASN A 126 -26.40 -4.89 -18.39
CA ASN A 126 -25.79 -5.84 -17.45
C ASN A 126 -25.08 -6.89 -18.30
N PRO A 127 -23.75 -6.77 -18.47
CA PRO A 127 -23.01 -7.74 -19.29
C PRO A 127 -23.20 -9.20 -18.88
N ILE A 128 -23.60 -10.03 -19.84
CA ILE A 128 -23.84 -11.46 -19.64
C ILE A 128 -22.79 -12.19 -20.47
N GLY A 129 -21.90 -12.91 -19.80
CA GLY A 129 -20.86 -13.63 -20.48
C GLY A 129 -21.10 -15.14 -20.47
N ASP A 130 -21.31 -15.72 -21.65
CA ASP A 130 -21.53 -17.15 -21.77
C ASP A 130 -20.20 -17.85 -21.98
N HIS A 131 -19.90 -18.81 -21.12
CA HIS A 131 -18.64 -19.54 -21.14
C HIS A 131 -18.92 -21.01 -21.43
N LEU A 132 -18.00 -21.64 -22.16
CA LEU A 132 -18.17 -23.04 -22.57
C LEU A 132 -16.80 -23.70 -22.76
N VAL A 133 -16.68 -24.94 -22.29
CA VAL A 133 -15.45 -25.71 -22.44
C VAL A 133 -15.80 -27.18 -22.57
N VAL A 134 -15.02 -27.89 -23.39
CA VAL A 134 -15.15 -29.33 -23.60
C VAL A 134 -13.93 -30.00 -22.99
N PHE A 135 -14.17 -31.02 -22.18
CA PHE A 135 -13.06 -31.70 -21.50
C PHE A 135 -13.31 -33.20 -21.51
N GLU A 136 -12.30 -33.94 -21.09
CA GLU A 136 -12.31 -35.40 -21.12
C GLU A 136 -12.18 -35.94 -19.71
N ALA A 137 -13.12 -36.80 -19.32
CA ALA A 137 -13.15 -37.38 -17.99
C ALA A 137 -12.86 -38.89 -18.08
N GLY A 138 -11.65 -39.29 -17.67
CA GLY A 138 -11.28 -40.68 -17.65
C GLY A 138 -12.01 -41.48 -16.59
N PRO A 139 -11.70 -42.78 -16.50
CA PRO A 139 -12.40 -43.65 -15.54
C PRO A 139 -12.16 -43.31 -14.08
N GLU A 140 -11.07 -42.61 -13.76
CA GLU A 140 -10.76 -42.25 -12.37
C GLU A 140 -11.74 -41.23 -11.79
N PHE A 141 -12.57 -40.61 -12.62
CA PHE A 141 -13.56 -39.64 -12.15
C PHE A 141 -14.94 -40.28 -12.00
N PHE A 142 -14.97 -41.58 -11.72
CA PHE A 142 -16.20 -42.37 -11.71
C PHE A 142 -16.12 -43.43 -10.62
N PRO A 143 -17.24 -43.70 -9.93
CA PRO A 143 -18.58 -43.11 -10.17
C PRO A 143 -18.84 -41.68 -9.64
N HIS A 144 -17.98 -41.14 -8.77
CA HIS A 144 -18.27 -39.89 -8.09
C HIS A 144 -17.21 -38.83 -8.40
N ALA A 145 -17.67 -37.65 -8.81
CA ALA A 145 -16.81 -36.49 -8.98
C ALA A 145 -17.62 -35.23 -8.71
N LEU A 146 -16.91 -34.12 -8.51
CA LEU A 146 -17.52 -32.80 -8.34
C LEU A 146 -16.79 -31.79 -9.22
N LEU A 147 -17.46 -30.68 -9.51
CA LEU A 147 -16.84 -29.51 -10.14
C LEU A 147 -16.69 -28.42 -9.10
N ARG A 148 -15.50 -27.84 -9.01
CA ARG A 148 -15.19 -26.80 -8.03
C ARG A 148 -14.88 -25.50 -8.74
N PHE A 149 -15.59 -24.42 -8.36
CA PHE A 149 -15.37 -23.06 -8.88
C PHE A 149 -14.87 -22.19 -7.74
N ASP A 150 -13.65 -21.66 -7.88
CA ASP A 150 -13.08 -20.93 -6.75
C ASP A 150 -13.36 -19.43 -6.80
N GLY A 151 -14.03 -18.96 -7.85
CA GLY A 151 -14.58 -17.60 -7.84
C GLY A 151 -15.20 -17.18 -9.15
N ILE A 152 -16.40 -16.62 -9.08
CA ILE A 152 -17.13 -16.08 -10.24
C ILE A 152 -17.75 -14.76 -9.82
N GLU A 153 -17.43 -13.68 -10.53
CA GLU A 153 -18.00 -12.37 -10.29
C GLU A 153 -19.01 -12.06 -11.39
N SER A 154 -20.29 -11.89 -11.03
CA SER A 154 -20.78 -12.04 -9.67
C SER A 154 -21.86 -13.13 -9.52
N ALA A 155 -22.51 -13.50 -10.62
CA ALA A 155 -23.60 -14.47 -10.57
C ALA A 155 -23.38 -15.52 -11.67
N GLY A 156 -23.10 -16.75 -11.27
CA GLY A 156 -22.83 -17.83 -12.21
C GLY A 156 -23.97 -18.84 -12.20
N THR A 157 -24.35 -19.32 -13.39
CA THR A 157 -25.22 -20.47 -13.55
C THR A 157 -24.46 -21.53 -14.33
N VAL A 158 -24.49 -22.77 -13.83
CA VAL A 158 -23.59 -23.84 -14.28
C VAL A 158 -24.41 -24.98 -14.86
N TRP A 159 -24.12 -25.35 -16.11
CA TRP A 159 -24.65 -26.54 -16.75
C TRP A 159 -23.52 -27.49 -17.12
N LEU A 160 -23.77 -28.78 -16.96
CA LEU A 160 -22.87 -29.83 -17.41
C LEU A 160 -23.65 -30.80 -18.29
N ASN A 161 -23.27 -30.89 -19.57
CA ASN A 161 -23.99 -31.71 -20.53
C ASN A 161 -25.48 -31.37 -20.53
N GLY A 162 -25.76 -30.07 -20.61
CA GLY A 162 -27.12 -29.58 -20.64
C GLY A 162 -27.87 -29.58 -19.32
N VAL A 163 -27.38 -30.30 -18.30
CA VAL A 163 -28.10 -30.43 -17.03
C VAL A 163 -27.68 -29.30 -16.10
N GLU A 164 -28.66 -28.66 -15.46
CA GLU A 164 -28.33 -27.55 -14.57
C GLU A 164 -27.78 -28.07 -13.26
N LEU A 165 -26.59 -27.62 -12.89
CA LEU A 165 -26.03 -27.98 -11.60
C LEU A 165 -26.48 -27.03 -10.50
N GLY A 166 -26.47 -25.74 -10.76
CA GLY A 166 -26.82 -24.76 -9.75
C GLY A 166 -26.26 -23.39 -10.11
N THR A 167 -26.16 -22.55 -9.08
CA THR A 167 -25.74 -21.16 -9.25
C THR A 167 -24.75 -20.80 -8.14
N THR A 168 -24.03 -19.71 -8.36
CA THR A 168 -22.99 -19.26 -7.44
C THR A 168 -23.30 -17.83 -7.02
N ARG A 169 -23.22 -17.58 -5.70
CA ARG A 169 -23.28 -16.25 -5.14
C ARG A 169 -22.14 -16.12 -4.12
N GLY A 170 -21.50 -14.96 -4.09
CA GLY A 170 -20.30 -14.77 -3.30
C GLY A 170 -19.09 -14.84 -4.21
N SER A 171 -18.69 -13.68 -4.74
CA SER A 171 -17.84 -13.65 -5.93
C SER A 171 -16.45 -14.24 -5.66
N ARG A 172 -15.91 -14.07 -4.45
CA ARG A 172 -14.58 -14.58 -4.15
C ARG A 172 -14.61 -15.82 -3.26
N LEU A 173 -15.75 -16.51 -3.20
CA LEU A 173 -15.95 -17.72 -2.41
C LEU A 173 -16.05 -18.92 -3.34
N ALA A 174 -15.71 -20.10 -2.83
CA ALA A 174 -15.71 -21.30 -3.64
C ALA A 174 -17.10 -21.94 -3.66
N HIS A 175 -17.41 -22.59 -4.78
CA HIS A 175 -18.60 -23.43 -4.92
C HIS A 175 -18.22 -24.77 -5.52
N GLU A 176 -18.90 -25.84 -5.06
CA GLU A 176 -18.68 -27.19 -5.54
C GLU A 176 -20.02 -27.84 -5.89
N PHE A 177 -20.12 -28.43 -7.08
CA PHE A 177 -21.34 -29.09 -7.54
C PHE A 177 -21.08 -30.56 -7.84
N ASP A 178 -21.89 -31.43 -7.24
CA ASP A 178 -21.77 -32.86 -7.50
C ASP A 178 -22.17 -33.16 -8.94
N VAL A 179 -21.30 -33.82 -9.68
CA VAL A 179 -21.59 -34.20 -11.06
C VAL A 179 -21.77 -35.72 -11.22
N SER A 180 -21.97 -36.44 -10.11
CA SER A 180 -22.23 -37.88 -10.18
C SER A 180 -23.51 -38.14 -10.97
N GLY A 181 -23.42 -39.03 -11.97
CA GLY A 181 -24.55 -39.32 -12.82
C GLY A 181 -24.86 -38.28 -13.87
N ILE A 182 -24.04 -37.23 -13.98
CA ILE A 182 -24.15 -36.22 -15.02
C ILE A 182 -22.88 -36.13 -15.85
N LEU A 183 -21.73 -36.13 -15.18
CA LEU A 183 -20.47 -36.35 -15.87
C LEU A 183 -20.52 -37.72 -16.54
N GLU A 184 -20.20 -37.75 -17.83
CA GLU A 184 -20.14 -38.98 -18.61
C GLU A 184 -18.69 -39.32 -18.91
N GLN A 185 -18.41 -40.62 -19.04
CA GLN A 185 -17.06 -41.05 -19.38
C GLN A 185 -16.67 -40.54 -20.76
N GLY A 186 -15.43 -40.11 -20.89
CA GLY A 186 -15.02 -39.44 -22.11
C GLY A 186 -15.34 -37.96 -22.10
N GLU A 187 -16.12 -37.53 -23.08
CA GLU A 187 -16.24 -36.11 -23.40
C GLU A 187 -17.45 -35.48 -22.73
N ASN A 188 -17.24 -34.30 -22.12
CA ASN A 188 -18.29 -33.55 -21.46
C ASN A 188 -18.24 -32.10 -21.89
N THR A 189 -19.38 -31.41 -21.80
CA THR A 189 -19.48 -29.99 -22.15
C THR A 189 -19.95 -29.18 -20.94
N LEU A 190 -19.05 -28.38 -20.38
CA LEU A 190 -19.35 -27.53 -19.24
C LEU A 190 -19.69 -26.13 -19.75
N ALA A 191 -20.82 -25.59 -19.29
CA ALA A 191 -21.31 -24.28 -19.71
C ALA A 191 -21.65 -23.42 -18.49
N VAL A 192 -21.17 -22.17 -18.48
CA VAL A 192 -21.41 -21.26 -17.36
C VAL A 192 -21.89 -19.91 -17.89
N ARG A 193 -23.06 -19.46 -17.41
CA ARG A 193 -23.53 -18.12 -17.70
C ARG A 193 -23.21 -17.23 -16.52
N VAL A 194 -22.47 -16.16 -16.77
CA VAL A 194 -21.99 -15.27 -15.74
C VAL A 194 -22.59 -13.88 -15.99
N ALA A 195 -23.33 -13.37 -15.01
CA ALA A 195 -23.85 -12.01 -15.07
C ALA A 195 -22.96 -11.12 -14.21
N GLN A 196 -22.51 -9.99 -14.77
CA GLN A 196 -21.65 -9.08 -14.01
C GLN A 196 -22.36 -8.56 -12.77
N PHE A 197 -23.58 -8.05 -12.95
CA PHE A 197 -24.35 -7.46 -11.86
C PHE A 197 -25.47 -8.39 -11.41
N SER A 198 -25.74 -8.38 -10.11
CA SER A 198 -26.83 -9.13 -9.50
C SER A 198 -27.12 -8.48 -8.16
N ALA A 199 -28.11 -9.01 -7.44
CA ALA A 199 -28.37 -8.54 -6.08
C ALA A 199 -27.10 -8.62 -5.25
N ALA A 200 -26.26 -9.62 -5.50
CA ALA A 200 -24.99 -9.78 -4.80
C ALA A 200 -24.10 -8.55 -4.97
N SER A 201 -24.23 -7.83 -6.11
CA SER A 201 -23.45 -6.62 -6.32
C SER A 201 -23.66 -5.60 -5.21
N TYR A 202 -24.87 -5.55 -4.63
CA TYR A 202 -25.16 -4.63 -3.55
C TYR A 202 -24.34 -4.91 -2.29
N VAL A 203 -23.80 -6.12 -2.15
CA VAL A 203 -23.03 -6.47 -0.97
C VAL A 203 -21.57 -6.69 -1.31
N GLU A 204 -21.16 -6.32 -2.51
CA GLU A 204 -19.78 -6.41 -2.99
C GLU A 204 -19.33 -5.07 -3.59
N ASP A 205 -19.44 -4.02 -2.79
CA ASP A 205 -19.13 -2.65 -3.22
C ASP A 205 -17.73 -2.20 -2.78
N GLN A 206 -16.74 -3.10 -2.90
CA GLN A 206 -15.38 -2.75 -2.52
C GLN A 206 -14.81 -1.67 -3.44
N ASP A 207 -13.93 -0.86 -2.88
CA ASP A 207 -13.32 0.24 -3.62
C ASP A 207 -12.23 -0.40 -4.48
N MET A 208 -12.59 -0.73 -5.73
CA MET A 208 -11.73 -1.46 -6.66
C MET A 208 -12.38 -1.53 -8.04
N TRP A 209 -11.69 -2.13 -9.02
CA TRP A 209 -12.29 -2.26 -10.33
C TRP A 209 -13.46 -3.25 -10.29
N TRP A 210 -14.59 -2.88 -10.88
CA TRP A 210 -15.63 -3.85 -11.20
C TRP A 210 -15.14 -4.73 -12.35
N LEU A 211 -15.05 -6.04 -12.13
CA LEU A 211 -14.43 -6.94 -13.09
C LEU A 211 -15.11 -8.32 -13.14
N PRO A 212 -16.11 -8.49 -14.01
CA PRO A 212 -16.79 -9.79 -14.10
C PRO A 212 -15.91 -10.88 -14.73
N GLY A 213 -16.17 -12.11 -14.35
CA GLY A 213 -15.56 -13.24 -15.03
C GLY A 213 -15.42 -14.44 -14.12
N ILE A 214 -15.01 -15.55 -14.74
CA ILE A 214 -14.61 -16.75 -14.00
C ILE A 214 -13.11 -16.57 -13.75
N PHE A 215 -12.79 -15.87 -12.66
CA PHE A 215 -11.45 -15.34 -12.45
C PHE A 215 -10.58 -16.24 -11.57
N ARG A 216 -11.09 -17.39 -11.14
CA ARG A 216 -10.31 -18.36 -10.38
C ARG A 216 -10.54 -19.77 -10.93
N ASP A 217 -9.74 -20.71 -10.41
CA ASP A 217 -9.65 -22.07 -10.95
C ASP A 217 -11.01 -22.74 -11.09
N VAL A 218 -11.14 -23.50 -12.18
CA VAL A 218 -12.23 -24.46 -12.40
C VAL A 218 -11.61 -25.85 -12.38
N THR A 219 -12.11 -26.73 -11.53
CA THR A 219 -11.44 -27.99 -11.28
C THR A 219 -12.44 -29.14 -11.21
N LEU A 220 -12.08 -30.26 -11.82
CA LEU A 220 -12.82 -31.51 -11.69
C LEU A 220 -12.07 -32.38 -10.68
N GLN A 221 -12.78 -32.83 -9.65
CA GLN A 221 -12.18 -33.63 -8.58
C GLN A 221 -12.99 -34.90 -8.37
N ALA A 222 -12.30 -36.04 -8.44
CA ALA A 222 -12.94 -37.31 -8.11
C ALA A 222 -13.15 -37.38 -6.61
N ARG A 223 -14.29 -37.96 -6.19
CA ARG A 223 -14.63 -38.15 -4.78
C ARG A 223 -14.73 -39.65 -4.48
N PRO A 224 -13.60 -40.32 -4.29
CA PRO A 224 -13.64 -41.76 -4.00
C PRO A 224 -14.33 -42.05 -2.68
N ALA A 225 -14.88 -43.27 -2.58
CA ALA A 225 -15.60 -43.68 -1.39
C ALA A 225 -14.64 -43.95 -0.25
N ALA A 226 -15.18 -43.90 0.97
CA ALA A 226 -14.38 -43.94 2.19
C ALA A 226 -13.32 -42.84 2.18
N GLY A 227 -13.68 -41.66 1.66
CA GLY A 227 -12.77 -40.54 1.51
C GLY A 227 -12.86 -39.56 2.66
N ILE A 228 -12.33 -38.36 2.43
CA ILE A 228 -12.40 -37.26 3.41
C ILE A 228 -12.91 -36.00 2.71
N ASP A 229 -14.07 -35.53 3.11
CA ASP A 229 -14.59 -34.30 2.55
C ASP A 229 -13.99 -33.07 3.25
N ASP A 230 -13.99 -33.04 4.58
CA ASP A 230 -13.57 -31.87 5.32
C ASP A 230 -12.67 -32.27 6.49
N VAL A 231 -11.83 -31.31 6.90
CA VAL A 231 -10.86 -31.45 7.98
C VAL A 231 -10.77 -30.13 8.71
N PHE A 232 -10.79 -30.18 10.04
CA PHE A 232 -10.66 -29.00 10.87
C PHE A 232 -9.48 -29.25 11.81
N VAL A 233 -8.35 -28.60 11.53
CA VAL A 233 -7.16 -28.69 12.36
C VAL A 233 -7.29 -27.78 13.57
N HIS A 234 -6.95 -28.29 14.74
CA HIS A 234 -6.86 -27.46 15.95
C HIS A 234 -5.49 -27.67 16.58
N ALA A 235 -4.63 -26.66 16.52
CA ALA A 235 -3.24 -26.81 16.99
C ALA A 235 -2.90 -25.67 17.93
N GLY A 236 -3.13 -25.89 19.23
CA GLY A 236 -2.84 -24.88 20.23
C GLY A 236 -1.42 -25.01 20.78
N TYR A 237 -0.98 -23.95 21.46
CA TYR A 237 0.33 -23.95 22.08
C TYR A 237 0.20 -23.54 23.53
N ASP A 238 0.73 -24.35 24.44
CA ASP A 238 0.83 -23.98 25.85
C ASP A 238 2.20 -23.34 26.06
N HIS A 239 2.22 -22.02 26.25
CA HIS A 239 3.51 -21.33 26.34
C HIS A 239 4.17 -21.53 27.69
N ILE A 240 3.43 -21.97 28.71
CA ILE A 240 4.04 -22.29 29.99
C ILE A 240 4.80 -23.60 29.90
N THR A 241 4.14 -24.66 29.41
CA THR A 241 4.75 -25.98 29.35
C THR A 241 5.53 -26.23 28.06
N GLY A 242 5.33 -25.44 27.00
CA GLY A 242 5.90 -25.77 25.70
C GLY A 242 5.16 -26.87 24.95
N GLU A 243 4.01 -27.33 25.47
CA GLU A 243 3.24 -28.40 24.83
C GLU A 243 2.46 -27.86 23.62
N GLY A 244 2.30 -28.72 22.62
CA GLY A 244 1.32 -28.50 21.58
C GLY A 244 0.03 -29.22 21.95
N ILE A 245 -1.10 -28.64 21.55
CA ILE A 245 -2.42 -29.18 21.87
C ILE A 245 -3.12 -29.45 20.55
N LEU A 246 -3.16 -30.72 20.15
CA LEU A 246 -3.51 -31.11 18.78
C LEU A 246 -4.79 -31.91 18.74
N LYS A 247 -5.69 -31.54 17.83
CA LYS A 247 -6.88 -32.32 17.51
C LYS A 247 -7.21 -32.06 16.06
N VAL A 248 -7.20 -33.10 15.24
CA VAL A 248 -7.54 -32.98 13.83
C VAL A 248 -8.88 -33.66 13.63
N GLU A 249 -9.92 -32.89 13.28
CA GLU A 249 -11.23 -33.45 12.98
C GLU A 249 -11.32 -33.76 11.50
N ALA A 250 -11.97 -34.87 11.18
CA ALA A 250 -12.14 -35.32 9.80
C ALA A 250 -13.58 -35.75 9.61
N SER A 251 -14.15 -35.42 8.46
CA SER A 251 -15.54 -35.78 8.20
C SER A 251 -15.75 -36.14 6.73
N ARG A 252 -16.84 -36.89 6.49
CA ARG A 252 -17.30 -37.28 5.17
C ARG A 252 -18.83 -37.18 5.16
N GLY A 253 -19.39 -36.59 4.11
CA GLY A 253 -20.83 -36.40 4.03
C GLY A 253 -21.44 -35.72 5.25
N GLY A 254 -20.63 -34.90 5.94
CA GLY A 254 -21.09 -34.19 7.11
C GLY A 254 -20.85 -34.91 8.44
N GLN A 255 -20.43 -36.16 8.41
CA GLN A 255 -20.31 -37.01 9.59
C GLN A 255 -18.85 -37.21 9.97
N ALA A 256 -18.55 -37.14 11.27
CA ALA A 256 -17.21 -37.47 11.72
C ALA A 256 -16.88 -38.92 11.38
N ILE A 257 -15.75 -39.11 10.69
CA ILE A 257 -15.35 -40.43 10.21
C ILE A 257 -14.08 -40.86 10.93
N ASP A 258 -13.72 -42.12 10.74
CA ASP A 258 -12.46 -42.63 11.24
C ASP A 258 -11.35 -42.32 10.25
N ALA A 259 -10.28 -41.72 10.76
CA ALA A 259 -9.12 -41.39 9.95
C ALA A 259 -7.91 -41.40 10.87
N VAL A 260 -6.75 -41.69 10.30
CA VAL A 260 -5.51 -41.69 11.06
C VAL A 260 -4.75 -40.41 10.73
N VAL A 261 -4.19 -39.78 11.77
CA VAL A 261 -3.39 -38.58 11.64
C VAL A 261 -1.95 -38.95 11.96
N ARG A 262 -1.05 -38.71 11.02
CA ARG A 262 0.37 -38.95 11.21
C ARG A 262 1.13 -37.64 11.05
N VAL A 263 1.90 -37.30 12.07
CA VAL A 263 2.83 -36.16 12.04
C VAL A 263 4.23 -36.72 12.29
N PRO A 264 4.94 -37.12 11.23
CA PRO A 264 6.23 -37.80 11.41
C PRO A 264 7.22 -37.08 12.34
N GLU A 265 7.46 -35.78 12.10
CA GLU A 265 8.48 -35.07 12.84
C GLU A 265 8.27 -35.11 14.35
N LEU A 266 7.05 -35.31 14.83
CA LEU A 266 6.76 -35.27 16.26
C LEU A 266 6.53 -36.67 16.86
N ALA A 267 6.75 -37.73 16.09
CA ALA A 267 6.58 -39.11 16.58
C ALA A 267 5.13 -39.38 16.95
N LEU A 268 4.21 -38.93 16.10
CA LEU A 268 2.78 -38.90 16.39
C LEU A 268 2.03 -39.79 15.41
N GLU A 269 1.25 -40.72 15.96
CA GLU A 269 0.13 -41.33 15.25
C GLU A 269 -1.06 -41.26 16.18
N LEU A 270 -2.18 -40.71 15.69
CA LEU A 270 -3.37 -40.56 16.51
C LEU A 270 -4.59 -40.65 15.60
N ALA A 271 -5.75 -40.80 16.23
CA ALA A 271 -7.00 -40.87 15.52
C ALA A 271 -7.58 -39.47 15.35
N ALA A 272 -8.13 -39.20 14.18
CA ALA A 272 -8.90 -37.98 14.02
C ALA A 272 -10.01 -37.98 15.06
N GLY A 273 -10.31 -36.80 15.59
CA GLY A 273 -11.40 -36.65 16.54
C GLY A 273 -10.98 -36.54 17.99
N THR A 274 -9.75 -36.87 18.32
CA THR A 274 -9.32 -36.91 19.71
C THR A 274 -8.22 -35.88 19.92
N GLU A 275 -8.27 -35.23 21.08
CA GLU A 275 -7.32 -34.17 21.42
C GLU A 275 -6.16 -34.76 22.23
N VAL A 276 -4.93 -34.47 21.81
CA VAL A 276 -3.75 -34.96 22.48
C VAL A 276 -2.83 -33.79 22.86
N ARG A 277 -1.87 -34.07 23.74
CA ARG A 277 -0.92 -33.10 24.23
C ARG A 277 0.46 -33.55 23.77
N VAL A 278 1.01 -32.85 22.79
CA VAL A 278 2.37 -33.09 22.33
C VAL A 278 3.32 -32.47 23.34
N PRO A 279 4.25 -33.25 23.90
CA PRO A 279 5.05 -32.75 25.05
C PRO A 279 5.82 -31.46 24.77
N ALA A 280 6.40 -31.32 23.59
CA ALA A 280 7.19 -30.13 23.31
C ALA A 280 7.14 -29.83 21.82
N VAL A 281 6.56 -28.69 21.46
CA VAL A 281 6.54 -28.25 20.07
C VAL A 281 7.22 -26.90 19.97
N GLU A 282 7.69 -26.59 18.76
CA GLU A 282 8.20 -25.25 18.45
C GLU A 282 7.06 -24.41 17.90
N PRO A 283 6.66 -23.34 18.56
CA PRO A 283 5.43 -22.64 18.17
C PRO A 283 5.57 -21.86 16.87
N TRP A 284 4.44 -21.74 16.17
CA TRP A 284 4.37 -20.94 14.94
C TRP A 284 4.14 -19.46 15.27
N SER A 285 4.85 -18.60 14.55
CA SER A 285 4.61 -17.16 14.61
C SER A 285 5.02 -16.56 13.26
N ALA A 286 4.70 -15.29 13.05
CA ALA A 286 5.13 -14.64 11.82
C ALA A 286 6.65 -14.52 11.78
N GLU A 287 7.29 -14.34 12.93
CA GLU A 287 8.74 -14.27 12.99
C GLU A 287 9.38 -15.62 12.73
N VAL A 288 8.80 -16.69 13.27
CA VAL A 288 9.34 -18.05 13.18
C VAL A 288 8.22 -19.02 12.78
N PRO A 289 7.92 -19.12 11.49
CA PRO A 289 6.73 -19.85 11.00
C PRO A 289 6.93 -21.37 10.95
N LYS A 290 7.16 -21.97 12.11
CA LYS A 290 7.41 -23.40 12.20
C LYS A 290 6.20 -24.21 11.74
N LEU A 291 6.40 -25.06 10.73
CA LEU A 291 5.32 -25.89 10.18
C LEU A 291 5.71 -27.36 10.19
N TYR A 292 4.88 -28.18 10.84
CA TYR A 292 5.04 -29.63 10.85
C TYR A 292 4.19 -30.28 9.77
N GLU A 293 4.81 -31.11 8.93
CA GLU A 293 4.07 -31.79 7.88
C GLU A 293 3.22 -32.90 8.47
N ALA A 294 2.00 -33.05 7.96
CA ALA A 294 1.08 -34.02 8.54
C ALA A 294 0.20 -34.58 7.44
N ALA A 295 -0.43 -35.69 7.75
CA ALA A 295 -1.35 -36.32 6.81
C ALA A 295 -2.48 -36.96 7.59
N VAL A 296 -3.69 -36.77 7.11
CA VAL A 296 -4.87 -37.41 7.64
C VAL A 296 -5.47 -38.24 6.50
N SER A 297 -5.77 -39.50 6.78
CA SER A 297 -6.14 -40.42 5.70
C SER A 297 -7.18 -41.41 6.18
N ALA A 298 -8.09 -41.74 5.25
CA ALA A 298 -9.07 -42.79 5.34
C ALA A 298 -8.73 -43.83 4.26
N ALA A 299 -9.61 -44.83 4.11
CA ALA A 299 -9.34 -45.92 3.16
C ALA A 299 -9.17 -45.38 1.74
N GLY A 300 -10.09 -44.53 1.29
CA GLY A 300 -10.04 -44.07 -0.07
C GLY A 300 -9.36 -42.74 -0.34
N GLU A 301 -8.79 -42.08 0.67
CA GLU A 301 -8.30 -40.73 0.43
C GLU A 301 -7.37 -40.28 1.55
N SER A 302 -6.34 -39.51 1.18
CA SER A 302 -5.41 -38.95 2.15
C SER A 302 -5.23 -37.47 1.89
N VAL A 303 -5.10 -36.69 2.97
CA VAL A 303 -5.04 -35.23 2.91
C VAL A 303 -3.77 -34.77 3.61
N ALA A 304 -2.98 -33.93 2.92
CA ALA A 304 -1.73 -33.41 3.44
C ALA A 304 -1.95 -32.02 4.05
N LEU A 305 -1.41 -31.82 5.25
CA LEU A 305 -1.58 -30.60 6.02
C LEU A 305 -0.23 -30.08 6.49
N GLN A 306 -0.16 -28.76 6.68
CA GLN A 306 0.94 -28.11 7.37
C GLN A 306 0.39 -27.53 8.66
N ILE A 307 0.90 -27.97 9.80
CA ILE A 307 0.33 -27.64 11.09
C ILE A 307 1.26 -26.67 11.81
N GLY A 308 0.73 -25.52 12.21
CA GLY A 308 1.46 -24.57 13.03
C GLY A 308 0.81 -24.42 14.39
N PHE A 309 1.56 -24.69 15.44
CA PHE A 309 1.03 -24.67 16.80
C PHE A 309 1.08 -23.24 17.32
N ARG A 310 -0.09 -22.60 17.42
CA ARG A 310 -0.17 -21.26 17.99
C ARG A 310 -1.53 -21.08 18.62
N SER A 311 -1.55 -20.39 19.76
CA SER A 311 -2.79 -20.07 20.47
C SER A 311 -2.95 -18.55 20.54
N ILE A 312 -4.15 -18.08 20.20
CA ILE A 312 -4.46 -16.66 20.20
C ILE A 312 -5.31 -16.39 21.42
N ALA A 313 -4.96 -15.35 22.18
CA ALA A 313 -5.69 -15.01 23.39
C ALA A 313 -5.76 -13.51 23.52
N ILE A 314 -6.81 -13.03 24.17
CA ILE A 314 -6.96 -11.63 24.51
C ILE A 314 -7.04 -11.50 26.03
N GLU A 315 -6.07 -10.81 26.62
CA GLU A 315 -6.10 -10.52 28.05
C GLU A 315 -5.43 -9.18 28.34
N ASP A 316 -5.87 -8.54 29.43
CA ASP A 316 -5.35 -7.23 29.81
C ASP A 316 -5.39 -6.27 28.64
N ALA A 317 -6.51 -6.31 27.89
CA ALA A 317 -6.73 -5.44 26.75
C ALA A 317 -5.57 -5.52 25.74
N GLN A 318 -5.00 -6.72 25.59
CA GLN A 318 -3.91 -6.95 24.66
C GLN A 318 -4.21 -8.17 23.81
N PHE A 319 -3.84 -8.09 22.52
CA PHE A 319 -4.01 -9.19 21.58
C PHE A 319 -2.73 -10.02 21.59
N LYS A 320 -2.80 -11.23 22.12
CA LYS A 320 -1.62 -12.05 22.35
C LYS A 320 -1.62 -13.28 21.47
N VAL A 321 -0.44 -13.66 20.99
CA VAL A 321 -0.21 -14.94 20.35
C VAL A 321 0.84 -15.66 21.18
N ASN A 322 0.56 -16.92 21.52
CA ASN A 322 1.49 -17.79 22.24
C ASN A 322 2.02 -17.15 23.53
N GLY A 323 1.17 -16.39 24.21
CA GLY A 323 1.53 -15.79 25.48
C GLY A 323 2.16 -14.40 25.43
N ARG A 324 2.43 -13.84 24.25
CA ARG A 324 3.05 -12.53 24.13
C ARG A 324 2.18 -11.59 23.31
N ARG A 325 2.04 -10.35 23.77
CA ARG A 325 1.47 -9.32 22.91
C ARG A 325 2.35 -9.18 21.68
N ILE A 326 1.73 -9.14 20.50
CA ILE A 326 2.48 -8.95 19.27
C ILE A 326 2.21 -7.54 18.73
N LEU A 327 3.06 -7.11 17.81
CA LEU A 327 2.89 -5.86 17.09
C LEU A 327 2.66 -6.16 15.62
N LEU A 328 1.52 -5.71 15.10
CA LEU A 328 1.19 -5.94 13.69
C LEU A 328 1.84 -4.85 12.82
N ARG A 329 2.66 -5.29 11.87
CA ARG A 329 3.29 -4.44 10.87
C ARG A 329 2.63 -4.79 9.55
N GLY A 330 1.46 -4.20 9.29
CA GLY A 330 0.58 -4.73 8.27
C GLY A 330 0.36 -3.88 7.03
N VAL A 331 -0.13 -4.52 5.97
CA VAL A 331 -0.61 -3.88 4.76
C VAL A 331 -1.95 -4.50 4.40
N ASN A 332 -2.81 -3.73 3.76
CA ASN A 332 -4.04 -4.26 3.18
C ASN A 332 -3.75 -4.73 1.76
N ARG A 333 -3.98 -6.03 1.50
CA ARG A 333 -3.66 -6.68 0.23
C ARG A 333 -4.92 -6.93 -0.57
N HIS A 334 -5.10 -6.18 -1.66
CA HIS A 334 -6.04 -6.54 -2.69
C HIS A 334 -5.40 -7.52 -3.66
N GLU A 335 -6.23 -8.14 -4.49
CA GLU A 335 -5.75 -9.01 -5.55
C GLU A 335 -5.95 -8.24 -6.85
N HIS A 336 -4.85 -7.79 -7.44
CA HIS A 336 -4.92 -7.04 -8.67
C HIS A 336 -3.69 -7.34 -9.51
N HIS A 337 -3.90 -7.36 -10.84
CA HIS A 337 -2.83 -7.55 -11.78
C HIS A 337 -3.08 -6.59 -12.94
N PRO A 338 -2.07 -5.80 -13.34
CA PRO A 338 -2.33 -4.71 -14.31
C PRO A 338 -2.73 -5.18 -15.71
N ARG A 339 -2.57 -6.46 -16.05
CA ARG A 339 -3.06 -6.94 -17.32
C ARG A 339 -4.12 -8.02 -17.19
N LEU A 340 -4.23 -8.68 -16.04
CA LEU A 340 -5.16 -9.79 -15.86
C LEU A 340 -6.25 -9.50 -14.84
N GLY A 341 -6.31 -8.29 -14.31
CA GLY A 341 -7.37 -7.91 -13.39
C GLY A 341 -7.34 -8.65 -12.07
N ARG A 342 -8.38 -9.42 -11.76
CA ARG A 342 -8.40 -10.14 -10.49
C ARG A 342 -7.62 -11.45 -10.53
N VAL A 343 -7.05 -11.81 -11.67
CA VAL A 343 -6.24 -13.02 -11.81
C VAL A 343 -4.81 -12.68 -11.44
N VAL A 344 -4.33 -13.16 -10.29
CA VAL A 344 -2.96 -12.90 -9.87
C VAL A 344 -2.16 -14.19 -10.05
N PRO A 345 -1.25 -14.24 -11.02
CA PRO A 345 -0.44 -15.47 -11.21
C PRO A 345 0.35 -15.83 -9.96
N ARG A 346 0.51 -17.14 -9.74
CA ARG A 346 1.10 -17.61 -8.49
C ARG A 346 2.50 -17.05 -8.28
N ASP A 347 3.29 -16.95 -9.35
CA ASP A 347 4.63 -16.38 -9.21
C ASP A 347 4.56 -14.92 -8.75
N VAL A 348 3.52 -14.19 -9.16
CA VAL A 348 3.38 -12.81 -8.69
C VAL A 348 3.03 -12.79 -7.21
N VAL A 349 2.22 -13.75 -6.76
CA VAL A 349 1.86 -13.85 -5.34
C VAL A 349 3.10 -14.13 -4.49
N GLU A 350 3.87 -15.15 -4.88
CA GLU A 350 5.06 -15.51 -4.12
C GLU A 350 6.07 -14.38 -4.10
N ALA A 351 6.27 -13.74 -5.26
CA ALA A 351 7.20 -12.62 -5.36
C ALA A 351 6.74 -11.45 -4.50
N GLU A 352 5.43 -11.18 -4.44
CA GLU A 352 5.02 -10.00 -3.69
C GLU A 352 5.07 -10.24 -2.18
N LEU A 353 4.81 -11.47 -1.70
CA LEU A 353 4.96 -11.72 -0.27
C LEU A 353 6.43 -11.72 0.14
N ARG A 354 7.33 -12.20 -0.71
CA ARG A 354 8.75 -12.04 -0.42
C ARG A 354 9.11 -10.57 -0.34
N LEU A 355 8.62 -9.76 -1.28
CA LEU A 355 8.84 -8.32 -1.21
C LEU A 355 8.32 -7.75 0.11
N MET A 356 7.14 -8.20 0.55
CA MET A 356 6.62 -7.72 1.83
C MET A 356 7.57 -8.07 2.97
N LYS A 357 8.02 -9.32 3.02
CA LYS A 357 8.96 -9.72 4.06
C LYS A 357 10.22 -8.88 3.98
N GLN A 358 10.71 -8.65 2.77
CA GLN A 358 11.91 -7.86 2.55
C GLN A 358 11.73 -6.43 3.03
N HIS A 359 10.50 -6.01 3.38
CA HIS A 359 10.28 -4.67 3.88
C HIS A 359 9.69 -4.66 5.29
N ASN A 360 9.95 -5.73 6.04
CA ASN A 360 9.70 -5.86 7.47
C ASN A 360 8.23 -6.04 7.80
N ILE A 361 7.38 -6.22 6.78
CA ILE A 361 5.95 -6.47 6.97
C ILE A 361 5.74 -7.85 7.59
N ASN A 362 4.87 -7.92 8.61
CA ASN A 362 4.58 -9.20 9.27
C ASN A 362 3.09 -9.50 9.33
N ALA A 363 2.25 -8.73 8.66
CA ALA A 363 0.81 -8.94 8.77
C ALA A 363 0.14 -8.50 7.49
N ILE A 364 -0.93 -9.22 7.12
CA ILE A 364 -1.70 -8.94 5.91
C ILE A 364 -3.18 -9.00 6.24
N ARG A 365 -3.94 -8.01 5.75
CA ARG A 365 -5.40 -8.05 5.80
C ARG A 365 -5.90 -8.27 4.38
N THR A 366 -6.68 -9.34 4.17
CA THR A 366 -7.20 -9.65 2.84
C THR A 366 -8.41 -8.76 2.54
N SER A 367 -8.12 -7.47 2.32
CA SER A 367 -9.15 -6.50 1.96
C SER A 367 -9.70 -6.77 0.56
N HIS A 368 -11.01 -6.85 0.41
CA HIS A 368 -11.99 -7.02 1.48
C HIS A 368 -12.82 -8.27 1.10
N TYR A 369 -12.16 -9.43 1.01
CA TYR A 369 -12.74 -10.66 0.49
C TYR A 369 -11.68 -11.74 0.67
N PRO A 370 -12.04 -13.02 0.69
CA PRO A 370 -11.01 -14.05 0.83
C PRO A 370 -10.11 -14.05 -0.39
N PRO A 371 -8.81 -14.30 -0.22
CA PRO A 371 -7.89 -14.37 -1.36
C PRO A 371 -8.04 -15.69 -2.12
N HIS A 372 -7.26 -15.81 -3.18
CA HIS A 372 -7.13 -17.11 -3.86
C HIS A 372 -6.78 -18.18 -2.82
N PRO A 373 -7.37 -19.37 -2.89
CA PRO A 373 -7.11 -20.37 -1.84
C PRO A 373 -5.64 -20.68 -1.66
N GLN A 374 -4.84 -20.58 -2.73
CA GLN A 374 -3.40 -20.86 -2.67
C GLN A 374 -2.64 -19.87 -1.79
N PHE A 375 -3.20 -18.68 -1.55
CA PHE A 375 -2.51 -17.68 -0.73
C PHE A 375 -2.22 -18.20 0.68
N LEU A 376 -3.14 -18.98 1.24
CA LEU A 376 -3.07 -19.31 2.67
C LEU A 376 -1.79 -20.09 3.01
N ALA A 377 -1.46 -21.11 2.21
CA ALA A 377 -0.25 -21.89 2.49
C ALA A 377 1.00 -21.01 2.42
N LEU A 378 1.03 -20.05 1.50
CA LEU A 378 2.20 -19.18 1.38
C LEU A 378 2.33 -18.25 2.58
N ALA A 379 1.21 -17.83 3.18
CA ALA A 379 1.30 -17.02 4.38
C ALA A 379 1.72 -17.86 5.59
N ASP A 380 1.23 -19.11 5.67
CA ASP A 380 1.72 -20.05 6.69
C ASP A 380 3.23 -20.20 6.62
N GLN A 381 3.75 -20.38 5.40
CA GLN A 381 5.16 -20.72 5.18
C GLN A 381 6.07 -19.50 5.34
N LEU A 382 5.73 -18.39 4.67
CA LEU A 382 6.58 -17.22 4.75
C LEU A 382 6.45 -16.50 6.08
N GLY A 383 5.26 -16.55 6.69
CA GLY A 383 5.09 -15.98 8.01
C GLY A 383 4.42 -14.62 8.08
N PHE A 384 3.08 -14.58 8.03
CA PHE A 384 2.31 -13.36 8.23
C PHE A 384 1.16 -13.64 9.18
N TYR A 385 0.87 -12.69 10.07
CA TYR A 385 -0.42 -12.70 10.77
C TYR A 385 -1.49 -12.19 9.81
N VAL A 386 -2.48 -13.03 9.50
CA VAL A 386 -3.51 -12.69 8.53
C VAL A 386 -4.82 -12.36 9.23
N VAL A 387 -5.44 -11.27 8.82
CA VAL A 387 -6.85 -10.99 9.09
C VAL A 387 -7.59 -11.42 7.84
N LEU A 388 -8.25 -12.57 7.88
CA LEU A 388 -9.00 -13.10 6.74
C LEU A 388 -10.38 -12.53 6.74
N GLU A 389 -10.70 -11.80 5.69
CA GLU A 389 -11.91 -10.99 5.66
C GLU A 389 -12.97 -11.57 4.72
N CYS A 390 -14.20 -11.65 5.22
CA CYS A 390 -15.33 -12.12 4.44
C CYS A 390 -15.64 -11.14 3.30
N ASP A 391 -16.25 -11.68 2.24
CA ASP A 391 -16.62 -10.90 1.07
C ASP A 391 -17.97 -10.22 1.33
N LEU A 392 -17.92 -9.05 1.97
CA LEU A 392 -19.12 -8.26 2.30
C LEU A 392 -18.76 -6.78 2.42
N GLU A 393 -19.38 -5.92 1.59
CA GLU A 393 -19.24 -4.48 1.73
C GLU A 393 -20.45 -3.80 1.10
N THR A 394 -21.15 -2.98 1.89
CA THR A 394 -22.37 -2.29 1.45
C THR A 394 -22.19 -0.78 1.52
N HIS A 395 -20.95 -0.35 1.26
CA HIS A 395 -20.52 1.02 1.50
C HIS A 395 -21.41 2.02 0.80
N GLY A 396 -21.90 1.67 -0.40
CA GLY A 396 -22.72 2.59 -1.18
C GLY A 396 -24.03 3.00 -0.52
N PHE A 397 -24.46 2.28 0.53
CA PHE A 397 -25.70 2.64 1.21
C PHE A 397 -25.51 3.76 2.22
N GLU A 398 -24.26 4.07 2.57
CA GLU A 398 -24.01 5.10 3.58
C GLU A 398 -24.60 6.45 3.18
N SER A 399 -24.51 6.80 1.89
CA SER A 399 -24.94 8.14 1.46
C SER A 399 -26.44 8.36 1.61
N ALA A 400 -27.22 7.31 1.84
CA ALA A 400 -28.64 7.44 2.11
C ALA A 400 -28.99 7.15 3.56
N GLY A 401 -28.06 7.44 4.47
CA GLY A 401 -28.29 7.13 5.88
C GLY A 401 -28.42 5.67 6.19
N TRP A 402 -27.85 4.79 5.36
CA TRP A 402 -27.89 3.32 5.51
C TRP A 402 -29.29 2.74 5.31
N ALA A 403 -30.22 3.52 4.74
CA ALA A 403 -31.52 2.99 4.35
C ALA A 403 -31.35 1.82 3.40
N GLN A 404 -32.11 0.74 3.66
CA GLN A 404 -32.13 -0.47 2.85
C GLN A 404 -30.82 -1.26 2.90
N ASN A 405 -29.93 -0.95 3.86
CA ASN A 405 -28.65 -1.63 4.01
C ASN A 405 -28.85 -3.15 4.11
N PRO A 406 -28.30 -3.94 3.19
CA PRO A 406 -28.46 -5.39 3.32
C PRO A 406 -28.00 -5.95 4.65
N SER A 407 -27.06 -5.27 5.33
CA SER A 407 -26.56 -5.79 6.60
C SER A 407 -27.61 -5.78 7.70
N ASP A 408 -28.71 -5.04 7.54
CA ASP A 408 -29.76 -5.02 8.56
C ASP A 408 -31.11 -5.44 8.00
N ASP A 409 -31.15 -5.95 6.78
CA ASP A 409 -32.37 -6.38 6.13
C ASP A 409 -32.55 -7.88 6.35
N PRO A 410 -33.55 -8.34 7.11
CA PRO A 410 -33.70 -9.78 7.37
C PRO A 410 -33.74 -10.65 6.13
N GLN A 411 -34.12 -10.11 4.96
CA GLN A 411 -34.20 -10.98 3.80
CA GLN A 411 -34.19 -10.93 3.76
C GLN A 411 -32.82 -11.35 3.25
N TRP A 412 -31.76 -10.65 3.66
CA TRP A 412 -30.39 -10.96 3.26
C TRP A 412 -29.64 -11.83 4.27
N GLU A 413 -30.29 -12.23 5.37
CA GLU A 413 -29.57 -12.94 6.42
C GLU A 413 -28.93 -14.22 5.91
N ASP A 414 -29.71 -15.04 5.19
CA ASP A 414 -29.19 -16.31 4.71
C ASP A 414 -28.02 -16.10 3.76
N ALA A 415 -28.14 -15.09 2.87
CA ALA A 415 -27.05 -14.80 1.95
C ALA A 415 -25.77 -14.41 2.69
N LEU A 416 -25.90 -13.60 3.73
CA LEU A 416 -24.71 -13.09 4.42
C LEU A 416 -24.08 -14.15 5.30
N VAL A 417 -24.91 -14.91 6.02
CA VAL A 417 -24.38 -16.04 6.79
C VAL A 417 -23.65 -17.02 5.87
N ASP A 418 -24.20 -17.29 4.67
CA ASP A 418 -23.51 -18.15 3.70
C ASP A 418 -22.12 -17.62 3.36
N ARG A 419 -22.01 -16.31 3.13
CA ARG A 419 -20.70 -15.69 2.86
C ARG A 419 -19.74 -15.95 4.00
N MET A 420 -20.17 -15.75 5.24
CA MET A 420 -19.29 -16.00 6.37
C MET A 420 -18.94 -17.47 6.45
N ARG A 421 -19.93 -18.35 6.31
CA ARG A 421 -19.67 -19.80 6.41
C ARG A 421 -18.62 -20.24 5.39
N ARG A 422 -18.84 -19.94 4.11
CA ARG A 422 -17.88 -20.35 3.08
C ARG A 422 -16.50 -19.77 3.38
N THR A 423 -16.44 -18.50 3.81
CA THR A 423 -15.19 -17.84 4.18
C THR A 423 -14.44 -18.63 5.25
N VAL A 424 -15.12 -18.91 6.37
CA VAL A 424 -14.50 -19.62 7.49
C VAL A 424 -14.12 -21.04 7.09
N GLU A 425 -15.07 -21.78 6.50
CA GLU A 425 -14.80 -23.19 6.19
C GLU A 425 -13.56 -23.33 5.30
N ARG A 426 -13.44 -22.49 4.27
CA ARG A 426 -12.34 -22.67 3.32
C ARG A 426 -10.97 -22.60 3.99
N ASP A 427 -10.77 -21.64 4.89
CA ASP A 427 -9.43 -21.32 5.37
C ASP A 427 -9.19 -21.68 6.84
N LYS A 428 -10.11 -22.41 7.48
CA LYS A 428 -10.05 -22.63 8.93
C LYS A 428 -8.80 -23.39 9.41
N ASN A 429 -8.03 -24.00 8.51
CA ASN A 429 -6.92 -24.85 8.95
C ASN A 429 -5.57 -24.13 9.03
N HIS A 430 -5.47 -22.86 8.67
CA HIS A 430 -4.18 -22.20 8.48
C HIS A 430 -3.78 -21.42 9.73
N ALA A 431 -2.60 -21.75 10.27
CA ALA A 431 -2.08 -21.06 11.45
C ALA A 431 -1.97 -19.55 11.22
N SER A 432 -1.76 -19.12 9.96
CA SER A 432 -1.52 -17.68 9.72
C SER A 432 -2.77 -16.85 9.92
N VAL A 433 -3.96 -17.42 9.75
CA VAL A 433 -5.20 -16.69 10.01
C VAL A 433 -5.34 -16.52 11.53
N VAL A 434 -5.18 -15.30 12.02
CA VAL A 434 -5.29 -15.04 13.46
C VAL A 434 -6.55 -14.27 13.82
N MET A 435 -7.32 -13.78 12.84
CA MET A 435 -8.58 -13.11 13.08
CA MET A 435 -8.61 -13.15 13.09
C MET A 435 -9.50 -13.39 11.90
N TRP A 436 -10.80 -13.54 12.16
CA TRP A 436 -11.82 -13.50 11.13
C TRP A 436 -12.40 -12.09 11.08
N SER A 437 -12.62 -11.57 9.87
CA SER A 437 -13.27 -10.27 9.71
C SER A 437 -14.61 -10.46 9.01
N LEU A 438 -15.66 -9.83 9.55
CA LEU A 438 -17.01 -9.96 9.00
C LEU A 438 -17.18 -9.31 7.64
N GLY A 439 -16.27 -8.44 7.24
CA GLY A 439 -16.42 -7.67 6.02
C GLY A 439 -15.87 -6.27 6.26
N ASN A 440 -16.31 -5.32 5.44
CA ASN A 440 -15.75 -3.97 5.46
C ASN A 440 -16.81 -2.95 5.06
N GLU A 441 -16.94 -1.92 5.89
CA GLU A 441 -17.84 -0.77 5.68
C GLU A 441 -19.21 -1.23 5.18
N ALA A 442 -19.82 -2.10 5.99
CA ALA A 442 -21.14 -2.66 5.74
C ALA A 442 -22.18 -2.08 6.71
N GLY A 443 -21.82 -0.97 7.38
CA GLY A 443 -22.71 -0.39 8.38
C GLY A 443 -22.82 -1.29 9.60
N THR A 444 -23.96 -1.20 10.28
CA THR A 444 -24.30 -2.04 11.43
C THR A 444 -25.66 -2.68 11.17
N GLY A 445 -25.88 -3.88 11.69
CA GLY A 445 -27.17 -4.53 11.48
C GLY A 445 -27.23 -5.96 12.00
N ARG A 446 -28.46 -6.46 12.05
CA ARG A 446 -28.77 -7.80 12.54
C ARG A 446 -27.99 -8.89 11.82
N ASN A 447 -27.79 -8.73 10.51
CA ASN A 447 -27.13 -9.78 9.74
C ASN A 447 -25.66 -9.89 10.09
N LEU A 448 -25.01 -8.78 10.42
CA LEU A 448 -23.63 -8.86 10.90
C LEU A 448 -23.55 -9.56 12.26
N ALA A 449 -24.50 -9.29 13.15
CA ALA A 449 -24.60 -10.04 14.40
C ALA A 449 -24.74 -11.55 14.13
N ALA A 450 -25.58 -11.94 13.16
CA ALA A 450 -25.74 -13.35 12.85
C ALA A 450 -24.44 -13.94 12.33
N MET A 451 -23.69 -13.19 11.51
CA MET A 451 -22.43 -13.73 11.02
C MET A 451 -21.44 -13.88 12.17
N SER A 452 -21.45 -12.95 13.10
CA SER A 452 -20.58 -13.04 14.26
C SER A 452 -20.92 -14.25 15.11
N ARG A 453 -22.21 -14.41 15.44
CA ARG A 453 -22.62 -15.55 16.26
C ARG A 453 -22.30 -16.87 15.57
N TRP A 454 -22.47 -16.93 14.25
CA TRP A 454 -22.15 -18.16 13.54
C TRP A 454 -20.66 -18.47 13.65
N THR A 455 -19.82 -17.44 13.50
CA THR A 455 -18.38 -17.66 13.53
C THR A 455 -17.90 -18.01 14.93
N LYS A 456 -18.36 -17.28 15.95
CA LYS A 456 -17.88 -17.55 17.30
C LYS A 456 -18.19 -18.99 17.71
N ASP A 457 -19.32 -19.51 17.25
CA ASP A 457 -19.73 -20.87 17.59
C ASP A 457 -18.93 -21.89 16.80
N ARG A 458 -18.73 -21.64 15.51
CA ARG A 458 -18.04 -22.58 14.64
C ARG A 458 -16.56 -22.67 15.00
N ASP A 459 -15.91 -21.52 15.21
CA ASP A 459 -14.46 -21.47 15.44
C ASP A 459 -14.14 -20.47 16.55
N PRO A 460 -14.27 -20.89 17.81
CA PRO A 460 -13.91 -20.01 18.93
C PRO A 460 -12.42 -19.74 19.07
N SER A 461 -11.57 -20.30 18.23
CA SER A 461 -10.14 -20.15 18.41
C SER A 461 -9.56 -18.87 17.79
N ARG A 462 -10.36 -18.06 17.09
CA ARG A 462 -9.85 -16.86 16.44
C ARG A 462 -10.77 -15.71 16.80
N PRO A 463 -10.23 -14.56 17.21
CA PRO A 463 -11.07 -13.40 17.48
C PRO A 463 -11.71 -12.85 16.22
N ILE A 464 -12.84 -12.18 16.41
CA ILE A 464 -13.63 -11.62 15.33
C ILE A 464 -13.35 -10.12 15.21
N HIS A 465 -13.13 -9.67 13.98
CA HIS A 465 -12.83 -8.29 13.63
C HIS A 465 -13.95 -7.75 12.77
N TYR A 466 -14.35 -6.50 13.05
CA TYR A 466 -15.21 -5.75 12.13
C TYR A 466 -15.22 -4.27 12.52
N GLU A 467 -14.67 -3.41 11.65
CA GLU A 467 -14.56 -1.99 12.00
C GLU A 467 -15.89 -1.24 11.97
N GLY A 468 -16.88 -1.73 11.22
CA GLY A 468 -18.05 -0.91 10.85
C GLY A 468 -18.98 -0.52 11.99
N ASP A 469 -18.92 -1.22 13.12
CA ASP A 469 -19.82 -0.92 14.23
C ASP A 469 -18.91 -0.51 15.39
N TRP A 470 -18.81 0.80 15.62
CA TRP A 470 -17.79 1.28 16.56
C TRP A 470 -18.10 0.84 18.00
N SER A 471 -19.38 0.59 18.32
CA SER A 471 -19.72 0.08 19.65
C SER A 471 -19.09 -1.28 19.92
N SER A 472 -18.63 -1.99 18.87
CA SER A 472 -17.89 -3.23 19.00
C SER A 472 -18.72 -4.35 19.64
N GLU A 473 -20.05 -4.25 19.54
CA GLU A 473 -20.93 -5.20 20.21
C GLU A 473 -20.66 -6.66 19.82
N HIS A 474 -20.32 -6.91 18.55
CA HIS A 474 -20.23 -8.29 18.05
C HIS A 474 -18.81 -8.71 17.67
N VAL A 475 -17.79 -8.04 18.18
CA VAL A 475 -16.40 -8.31 17.82
C VAL A 475 -15.60 -8.53 19.10
N ASP A 476 -14.34 -8.93 18.92
CA ASP A 476 -13.45 -9.18 20.03
C ASP A 476 -12.31 -8.18 20.15
N VAL A 477 -12.10 -7.35 19.13
CA VAL A 477 -11.09 -6.30 19.12
C VAL A 477 -11.78 -5.03 18.67
N TYR A 478 -11.34 -3.90 19.24
CA TYR A 478 -11.77 -2.59 18.76
C TYR A 478 -10.92 -2.22 17.56
N SER A 479 -11.57 -2.05 16.41
CA SER A 479 -10.92 -1.67 15.16
C SER A 479 -11.44 -0.34 14.64
N ARG A 480 -10.52 0.47 14.11
CA ARG A 480 -10.87 1.75 13.48
C ARG A 480 -10.01 1.90 12.23
N MET A 481 -10.40 2.84 11.36
CA MET A 481 -9.62 3.14 10.16
C MET A 481 -9.35 4.64 10.11
N TYR A 482 -8.08 5.01 9.90
CA TYR A 482 -7.65 6.39 9.73
C TYR A 482 -7.94 7.25 10.97
N ALA A 483 -8.07 6.66 12.15
CA ALA A 483 -8.12 7.46 13.36
C ALA A 483 -6.83 8.27 13.47
N SER A 484 -6.95 9.53 13.91
CA SER A 484 -5.79 10.40 13.95
C SER A 484 -4.75 9.89 14.96
N GLN A 485 -3.52 10.38 14.83
CA GLN A 485 -2.51 10.09 15.85
C GLN A 485 -3.02 10.44 17.23
N ALA A 486 -3.61 11.63 17.37
CA ALA A 486 -4.15 12.07 18.65
C ALA A 486 -5.14 11.05 19.24
N GLU A 487 -6.13 10.65 18.46
CA GLU A 487 -7.11 9.71 19.00
C GLU A 487 -6.48 8.37 19.31
N THR A 488 -5.57 7.90 18.43
CA THR A 488 -4.86 6.65 18.71
C THR A 488 -4.14 6.73 20.05
N ALA A 489 -3.56 7.89 20.37
CA ALA A 489 -2.87 8.04 21.65
C ALA A 489 -3.83 7.93 22.82
N LEU A 490 -5.04 8.51 22.70
CA LEU A 490 -6.02 8.42 23.78
C LEU A 490 -6.53 7.00 23.94
N ILE A 491 -6.77 6.30 22.82
CA ILE A 491 -7.20 4.91 22.89
C ILE A 491 -6.11 4.05 23.49
N GLY A 492 -4.85 4.30 23.12
CA GLY A 492 -3.76 3.52 23.69
C GLY A 492 -3.70 3.61 25.20
N GLN A 493 -4.09 4.75 25.74
CA GLN A 493 -4.11 4.99 27.18
C GLN A 493 -5.43 4.59 27.81
N GLY A 494 -6.40 4.15 27.02
CA GLY A 494 -7.65 3.70 27.58
C GLY A 494 -8.55 4.82 28.05
N ILE A 495 -8.38 6.03 27.50
CA ILE A 495 -9.14 7.17 27.97
C ILE A 495 -10.00 7.79 26.86
N GLU A 496 -10.27 7.04 25.80
CA GLU A 496 -11.20 7.54 24.79
C GLU A 496 -12.57 7.73 25.43
N PRO A 497 -13.43 8.56 24.84
CA PRO A 497 -14.74 8.80 25.45
C PRO A 497 -15.57 7.52 25.54
N ALA A 498 -16.39 7.45 26.59
CA ALA A 498 -17.17 6.25 26.86
C ALA A 498 -18.33 6.10 25.88
N LEU A 499 -18.72 4.85 25.64
CA LEU A 499 -19.96 4.57 24.93
C LEU A 499 -21.16 4.89 25.82
N ASN A 500 -22.30 5.19 25.17
CA ASN A 500 -23.50 5.52 25.95
C ASN A 500 -23.93 4.34 26.79
N ASP A 501 -23.85 3.14 26.24
CA ASP A 501 -24.20 1.93 26.96
C ASP A 501 -23.02 1.53 27.83
N ALA A 502 -23.22 1.55 29.15
CA ALA A 502 -22.14 1.24 30.08
C ALA A 502 -21.62 -0.17 29.85
N ALA A 503 -22.52 -1.12 29.61
CA ALA A 503 -22.08 -2.50 29.42
C ALA A 503 -21.24 -2.63 28.15
N LEU A 504 -21.69 -2.02 27.05
CA LEU A 504 -20.90 -2.09 25.83
C LEU A 504 -19.57 -1.37 26.01
N ASP A 505 -19.57 -0.26 26.75
CA ASP A 505 -18.33 0.49 26.99
C ASP A 505 -17.33 -0.34 27.79
N ALA A 506 -17.80 -1.08 28.80
CA ALA A 506 -16.91 -1.93 29.58
C ALA A 506 -16.26 -3.00 28.70
N ARG A 507 -17.04 -3.63 27.82
CA ARG A 507 -16.47 -4.62 26.92
C ARG A 507 -15.41 -4.00 26.01
N ARG A 508 -15.73 -2.86 25.38
CA ARG A 508 -14.81 -2.30 24.40
C ARG A 508 -13.52 -1.80 25.06
N ARG A 509 -13.61 -1.24 26.26
CA ARG A 509 -12.43 -0.75 26.96
C ARG A 509 -11.48 -1.88 27.34
N ALA A 510 -12.02 -3.09 27.50
CA ALA A 510 -11.20 -4.28 27.74
C ALA A 510 -10.69 -4.92 26.45
N MET A 511 -10.96 -4.30 25.23
CA MET A 511 -10.44 -4.87 23.99
C MET A 511 -9.14 -4.19 23.59
N PRO A 512 -8.25 -4.94 22.93
CA PRO A 512 -7.10 -4.31 22.27
C PRO A 512 -7.59 -3.60 21.01
N PHE A 513 -6.74 -2.71 20.49
CA PHE A 513 -7.13 -1.80 19.42
C PHE A 513 -6.24 -1.95 18.20
N VAL A 514 -6.86 -2.08 17.03
CA VAL A 514 -6.13 -2.23 15.78
C VAL A 514 -6.64 -1.19 14.79
N LEU A 515 -5.72 -0.62 14.01
CA LEU A 515 -6.07 0.24 12.87
C LEU A 515 -6.12 -0.67 11.65
N CYS A 516 -7.33 -1.04 11.20
CA CYS A 516 -7.36 -1.96 10.06
C CYS A 516 -6.91 -1.28 8.78
N GLU A 517 -6.96 0.06 8.74
CA GLU A 517 -6.44 0.87 7.65
C GLU A 517 -5.88 2.16 8.24
N TYR A 518 -4.67 2.54 7.84
CA TYR A 518 -4.13 3.85 8.24
C TYR A 518 -2.89 4.18 7.38
N VAL A 519 -2.42 5.43 7.51
CA VAL A 519 -1.47 6.14 6.66
C VAL A 519 -1.72 5.89 5.18
N HIS A 520 -2.92 6.24 4.71
CA HIS A 520 -3.28 6.18 3.31
C HIS A 520 -2.10 6.56 2.42
N ALA A 521 -1.68 5.62 1.57
CA ALA A 521 -0.41 5.70 0.89
C ALA A 521 -0.54 6.23 -0.54
N MET A 522 -1.52 7.11 -0.76
CA MET A 522 -1.81 7.62 -2.10
C MET A 522 -0.80 8.68 -2.54
N GLY A 523 -0.18 8.45 -3.70
CA GLY A 523 0.75 9.43 -4.28
C GLY A 523 1.92 9.73 -3.37
N ASN A 524 2.33 11.00 -3.36
CA ASN A 524 3.45 11.44 -2.52
C ASN A 524 3.07 11.33 -1.04
N GLY A 525 3.77 10.46 -0.31
CA GLY A 525 3.45 10.12 1.06
C GLY A 525 3.63 8.62 1.30
N PRO A 526 3.10 8.11 2.42
CA PRO A 526 2.34 8.82 3.46
C PRO A 526 3.22 9.54 4.48
N GLY A 527 2.81 10.74 4.88
CA GLY A 527 3.41 11.41 6.01
C GLY A 527 2.76 10.98 7.32
N GLY A 528 3.44 11.28 8.42
CA GLY A 528 2.95 10.98 9.76
C GLY A 528 3.09 9.54 10.24
N MET A 529 3.82 8.69 9.50
CA MET A 529 3.91 7.28 9.87
C MET A 529 4.67 7.09 11.19
N SER A 530 5.68 7.94 11.44
CA SER A 530 6.52 7.71 12.62
C SER A 530 5.75 8.02 13.89
N GLU A 531 4.81 8.97 13.83
CA GLU A 531 4.06 9.32 15.03
C GLU A 531 3.13 8.20 15.46
N TYR A 532 2.51 7.51 14.48
CA TYR A 532 1.77 6.30 14.80
C TYR A 532 2.68 5.24 15.41
N GLN A 533 3.84 5.00 14.80
CA GLN A 533 4.70 3.91 15.25
C GLN A 533 5.15 4.10 16.69
N ALA A 534 5.49 5.34 17.08
CA ALA A 534 5.89 5.60 18.46
C ALA A 534 4.79 5.23 19.44
N LEU A 535 3.53 5.43 19.05
CA LEU A 535 2.40 5.07 19.91
C LEU A 535 2.21 3.57 19.98
N PHE A 536 2.34 2.88 18.82
CA PHE A 536 2.26 1.42 18.79
C PHE A 536 3.25 0.78 19.76
N GLU A 537 4.45 1.36 19.87
CA GLU A 537 5.48 0.85 20.77
C GLU A 537 5.22 1.23 22.22
N LYS A 538 4.70 2.45 22.45
CA LYS A 538 4.50 2.93 23.82
C LYS A 538 3.36 2.19 24.54
N TYR A 539 2.23 1.93 23.85
CA TYR A 539 1.02 1.48 24.55
C TYR A 539 0.67 0.04 24.18
N PRO A 540 0.61 -0.86 25.15
CA PRO A 540 0.37 -2.27 24.81
C PRO A 540 -1.01 -2.53 24.22
N ARG A 541 -2.02 -1.71 24.54
CA ARG A 541 -3.34 -1.92 23.97
C ARG A 541 -3.37 -1.71 22.45
N LEU A 542 -2.45 -0.90 21.92
CA LEU A 542 -2.37 -0.69 20.48
C LEU A 542 -1.75 -1.92 19.83
N MET A 543 -2.50 -2.58 18.95
CA MET A 543 -2.03 -3.77 18.25
C MET A 543 -1.16 -3.44 17.05
N GLY A 544 -1.21 -2.21 16.56
CA GLY A 544 -0.52 -1.86 15.35
C GLY A 544 -1.51 -1.44 14.28
N GLY A 545 -1.12 -1.58 13.02
CA GLY A 545 -1.95 -1.08 11.94
C GLY A 545 -1.56 -1.71 10.62
N PHE A 546 -2.50 -1.60 9.67
CA PHE A 546 -2.36 -2.11 8.31
C PHE A 546 -2.46 -0.93 7.38
N VAL A 547 -1.38 -0.64 6.64
CA VAL A 547 -1.37 0.49 5.71
C VAL A 547 -2.42 0.27 4.62
N TRP A 548 -3.15 1.33 4.27
CA TRP A 548 -3.97 1.31 3.07
C TRP A 548 -3.18 1.97 1.94
N GLU A 549 -2.81 1.20 0.91
CA GLU A 549 -2.89 -0.25 0.80
C GLU A 549 -1.58 -0.74 0.16
N TRP A 550 -1.46 -2.05 -0.07
CA TRP A 550 -0.19 -2.60 -0.55
C TRP A 550 0.09 -2.18 -1.99
N LEU A 551 -0.89 -2.32 -2.87
CA LEU A 551 -0.62 -2.02 -4.28
C LEU A 551 -1.56 -0.96 -4.84
N GLU A 552 -1.07 -0.29 -5.88
CA GLU A 552 -1.89 0.49 -6.79
C GLU A 552 -2.61 -0.44 -7.76
N HIS A 553 -3.87 -0.13 -8.07
CA HIS A 553 -4.63 -0.94 -9.02
C HIS A 553 -4.50 -0.40 -10.45
N GLY A 554 -3.31 0.07 -10.85
CA GLY A 554 -3.15 0.58 -12.20
C GLY A 554 -3.38 -0.50 -13.24
N ILE A 555 -3.99 -0.11 -14.36
CA ILE A 555 -4.19 -1.01 -15.49
C ILE A 555 -3.34 -0.51 -16.65
N THR A 556 -2.41 -1.37 -17.11
CA THR A 556 -1.54 -1.01 -18.22
C THR A 556 -2.35 -0.63 -19.46
N VAL A 557 -1.97 0.49 -20.09
CA VAL A 557 -2.59 0.97 -21.33
C VAL A 557 -1.48 1.43 -22.27
N SER A 558 -1.64 1.16 -23.56
CA SER A 558 -0.66 1.53 -24.57
C SER A 558 -1.22 2.65 -25.42
N THR A 559 -0.54 3.79 -25.42
CA THR A 559 -0.93 4.92 -26.25
C THR A 559 -0.73 4.60 -27.72
N ALA A 560 -1.17 5.51 -28.58
CA ALA A 560 -1.05 5.31 -30.03
C ALA A 560 0.39 5.10 -30.44
N ASP A 561 1.32 5.84 -29.82
CA ASP A 561 2.73 5.71 -30.15
C ASP A 561 3.31 4.35 -29.79
N GLY A 562 2.71 3.65 -28.83
CA GLY A 562 3.29 2.48 -28.25
C GLY A 562 4.00 2.74 -26.93
N VAL A 563 3.54 3.73 -26.15
CA VAL A 563 4.12 4.09 -24.88
C VAL A 563 3.25 3.53 -23.77
N ASP A 564 3.86 2.93 -22.76
CA ASP A 564 3.12 2.33 -21.67
C ASP A 564 2.94 3.33 -20.53
N HIS A 565 1.78 3.24 -19.89
CA HIS A 565 1.49 3.94 -18.65
C HIS A 565 0.29 3.26 -18.02
N TYR A 566 0.02 3.59 -16.76
CA TYR A 566 -1.15 3.05 -16.08
C TYR A 566 -2.35 3.96 -16.30
N GLY A 567 -3.50 3.35 -16.61
CA GLY A 567 -4.77 4.04 -16.49
C GLY A 567 -5.45 3.80 -15.15
N TYR A 568 -6.41 4.66 -14.82
CA TYR A 568 -7.18 4.56 -13.57
C TYR A 568 -8.63 4.92 -13.90
N GLY A 569 -9.42 5.23 -12.87
CA GLY A 569 -10.85 5.51 -13.04
C GLY A 569 -11.11 6.66 -13.99
N GLY A 570 -12.06 6.46 -14.90
CA GLY A 570 -12.34 7.42 -15.95
C GLY A 570 -11.56 7.20 -17.24
N ASP A 571 -10.44 6.48 -17.19
CA ASP A 571 -9.67 6.22 -18.40
C ASP A 571 -10.29 5.14 -19.28
N PHE A 572 -11.41 4.57 -18.86
CA PHE A 572 -12.02 3.46 -19.55
C PHE A 572 -13.47 3.76 -19.88
N GLY A 573 -13.82 5.05 -19.97
CA GLY A 573 -15.12 5.48 -20.41
C GLY A 573 -16.20 5.44 -19.36
N GLU A 574 -15.85 5.28 -18.08
CA GLU A 574 -16.86 5.20 -17.04
C GLU A 574 -17.70 6.46 -17.02
N GLU A 575 -19.00 6.29 -16.79
CA GLU A 575 -19.92 7.41 -16.62
C GLU A 575 -19.78 8.01 -15.23
N VAL A 576 -19.73 7.18 -14.19
CA VAL A 576 -19.32 7.60 -12.85
C VAL A 576 -18.08 6.81 -12.47
N HIS A 577 -17.15 7.49 -11.82
CA HIS A 577 -15.87 6.87 -11.47
C HIS A 577 -15.25 7.72 -10.37
N ASP A 578 -14.08 7.28 -9.89
CA ASP A 578 -13.38 7.97 -8.82
C ASP A 578 -11.90 8.16 -9.15
N GLY A 579 -11.58 8.23 -10.44
CA GLY A 579 -10.29 8.70 -10.88
C GLY A 579 -9.16 7.87 -10.32
N ASN A 580 -8.10 8.55 -9.87
CA ASN A 580 -6.89 7.84 -9.46
C ASN A 580 -6.95 7.36 -8.01
N PHE A 581 -8.12 7.35 -7.38
CA PHE A 581 -8.18 6.80 -6.03
C PHE A 581 -7.89 5.31 -5.99
N VAL A 582 -7.90 4.63 -7.15
CA VAL A 582 -7.53 3.22 -7.16
C VAL A 582 -6.02 3.02 -7.21
N THR A 583 -5.25 4.08 -7.49
CA THR A 583 -3.78 4.03 -7.41
C THR A 583 -3.31 4.71 -6.13
N ASP A 584 -3.33 3.94 -5.03
CA ASP A 584 -3.10 4.44 -3.68
C ASP A 584 -2.23 3.49 -2.87
N GLY A 585 -1.20 2.92 -3.52
CA GLY A 585 -0.45 1.82 -2.97
C GLY A 585 0.98 2.16 -2.60
N LEU A 586 1.56 1.24 -1.83
CA LEU A 586 2.97 1.26 -1.45
C LEU A 586 3.87 0.76 -2.58
N VAL A 587 3.31 -0.01 -3.53
CA VAL A 587 3.99 -0.42 -4.75
C VAL A 587 3.04 -0.20 -5.91
N ASP A 588 3.59 -0.07 -7.10
CA ASP A 588 2.71 0.05 -8.26
C ASP A 588 2.13 -1.32 -8.64
N ALA A 589 1.30 -1.33 -9.69
CA ALA A 589 0.64 -2.57 -10.08
C ALA A 589 1.64 -3.63 -10.51
N ASP A 590 2.82 -3.21 -10.98
CA ASP A 590 3.87 -4.16 -11.32
C ASP A 590 4.81 -4.41 -10.15
N ARG A 591 4.40 -4.06 -8.93
CA ARG A 591 5.10 -4.37 -7.69
C ARG A 591 6.45 -3.66 -7.57
N ARG A 592 6.63 -2.53 -8.26
CA ARG A 592 7.81 -1.70 -8.05
C ARG A 592 7.56 -0.76 -6.87
N PRO A 593 8.47 -0.70 -5.90
CA PRO A 593 8.22 0.12 -4.70
C PRO A 593 8.02 1.59 -5.01
N ARG A 594 7.01 2.19 -4.35
CA ARG A 594 6.93 3.62 -4.21
C ARG A 594 7.85 4.06 -3.08
N PRO A 595 8.24 5.33 -3.04
CA PRO A 595 9.05 5.81 -1.89
C PRO A 595 8.41 5.50 -0.55
N GLY A 596 7.07 5.58 -0.46
CA GLY A 596 6.37 5.22 0.77
C GLY A 596 6.72 3.84 1.32
N LEU A 597 7.01 2.87 0.45
CA LEU A 597 7.38 1.54 0.94
C LEU A 597 8.77 1.54 1.58
N LEU A 598 9.71 2.26 0.97
CA LEU A 598 11.06 2.35 1.53
C LEU A 598 11.02 3.08 2.87
N ASP A 599 10.17 4.09 2.97
CA ASP A 599 9.95 4.75 4.26
C ASP A 599 9.29 3.80 5.26
N PHE A 600 8.20 3.13 4.83
CA PHE A 600 7.49 2.22 5.72
C PHE A 600 8.41 1.14 6.29
N LYS A 601 9.31 0.58 5.45
CA LYS A 601 10.18 -0.49 5.92
C LYS A 601 11.04 -0.02 7.08
N LYS A 602 11.61 1.18 6.96
CA LYS A 602 12.39 1.79 8.03
C LYS A 602 11.52 2.06 9.27
N VAL A 603 10.32 2.61 9.06
CA VAL A 603 9.46 2.93 10.18
C VAL A 603 9.17 1.70 11.03
N ILE A 604 8.86 0.57 10.39
CA ILE A 604 8.46 -0.64 11.11
C ILE A 604 9.64 -1.61 11.31
N GLU A 605 10.88 -1.14 11.25
CA GLU A 605 12.01 -2.06 11.34
C GLU A 605 12.01 -2.76 12.71
N PRO A 606 12.28 -4.07 12.74
CA PRO A 606 12.06 -4.83 13.99
C PRO A 606 13.17 -4.67 15.03
N LEU A 607 14.27 -4.00 14.70
CA LEU A 607 15.32 -3.67 15.66
C LEU A 607 15.60 -2.17 15.58
N ARG A 608 15.98 -1.60 16.72
CA ARG A 608 16.33 -0.20 16.83
C ARG A 608 17.81 -0.06 17.14
N ILE A 609 18.51 0.69 16.31
CA ILE A 609 19.96 0.87 16.42
C ILE A 609 20.23 2.36 16.59
N ASP A 610 20.70 2.77 17.77
CA ASP A 610 20.99 4.17 18.07
C ASP A 610 22.51 4.31 18.23
N VAL A 611 23.17 4.81 17.20
CA VAL A 611 24.63 4.91 17.19
C VAL A 611 25.06 6.08 18.07
N ALA A 612 26.06 5.87 18.92
CA ALA A 612 26.50 6.90 19.85
C ALA A 612 27.15 8.07 19.11
N ARG A 613 27.00 9.26 19.69
CA ARG A 613 27.52 10.46 19.03
C ARG A 613 29.04 10.41 18.90
N ASP A 614 29.73 9.86 19.90
CA ASP A 614 31.18 9.72 19.88
C ASP A 614 31.67 8.47 19.13
N TRP A 615 30.76 7.74 18.48
CA TRP A 615 31.11 6.60 17.62
C TRP A 615 31.74 5.45 18.41
N THR A 616 31.53 5.37 19.72
CA THR A 616 32.11 4.29 20.49
C THR A 616 31.27 3.02 20.50
N GLY A 617 29.97 3.14 20.21
CA GLY A 617 29.10 1.99 20.23
C GLY A 617 27.73 2.36 19.71
N PHE A 618 26.78 1.44 19.85
CA PHE A 618 25.40 1.72 19.52
C PHE A 618 24.48 0.95 20.48
N THR A 619 23.39 1.59 20.86
CA THR A 619 22.33 0.90 21.59
C THR A 619 21.52 0.07 20.61
N LEU A 620 21.20 -1.16 21.01
CA LEU A 620 20.47 -2.11 20.17
C LEU A 620 19.29 -2.65 20.96
N ARG A 621 18.07 -2.30 20.54
CA ARG A 621 16.87 -2.88 21.12
C ARG A 621 16.28 -3.89 20.16
N ASN A 622 16.00 -5.10 20.66
CA ASN A 622 15.31 -6.11 19.87
C ASN A 622 13.81 -5.89 20.02
N GLY A 623 13.17 -5.37 18.95
CA GLY A 623 11.76 -5.08 18.93
C GLY A 623 10.86 -6.23 18.51
N GLN A 624 11.42 -7.39 18.20
CA GLN A 624 10.60 -8.55 17.87
C GLN A 624 9.88 -9.06 19.11
N ASP A 625 8.91 -9.96 18.88
CA ASP A 625 8.13 -10.53 19.97
C ASP A 625 8.60 -11.89 20.41
N PHE A 626 9.23 -12.67 19.52
CA PHE A 626 9.63 -14.03 19.83
C PHE A 626 11.11 -14.28 19.56
N ALA A 627 11.62 -13.84 18.42
CA ALA A 627 12.99 -14.17 18.09
C ALA A 627 13.98 -13.30 18.86
N ASP A 628 15.18 -13.84 19.05
CA ASP A 628 16.32 -13.05 19.51
C ASP A 628 17.03 -12.46 18.30
N THR A 629 18.25 -11.92 18.49
CA THR A 629 18.97 -11.26 17.41
C THR A 629 19.93 -12.20 16.67
N SER A 630 19.80 -13.52 16.87
CA SER A 630 20.82 -14.45 16.40
C SER A 630 20.83 -14.59 14.87
N ALA A 631 19.73 -14.29 14.19
CA ALA A 631 19.68 -14.38 12.73
C ALA A 631 20.44 -13.24 12.04
N PHE A 632 20.93 -12.26 12.79
CA PHE A 632 21.47 -11.04 12.21
C PHE A 632 22.98 -10.96 12.36
N SER A 633 23.62 -10.46 11.32
CA SER A 633 25.01 -10.01 11.39
C SER A 633 25.01 -8.48 11.48
N PHE A 634 25.81 -7.95 12.40
CA PHE A 634 25.88 -6.51 12.64
C PHE A 634 27.13 -5.95 12.00
N ARG A 635 26.96 -5.07 11.02
CA ARG A 635 28.03 -4.55 10.21
C ARG A 635 28.10 -3.03 10.38
N TYR A 636 29.32 -2.49 10.39
CA TYR A 636 29.53 -1.05 10.48
C TYR A 636 30.40 -0.60 9.32
N GLU A 637 30.25 0.66 8.94
CA GLU A 637 31.09 1.25 7.92
C GLU A 637 31.18 2.75 8.16
N VAL A 638 32.36 3.31 7.93
CA VAL A 638 32.58 4.74 7.97
C VAL A 638 32.84 5.17 6.54
N GLU A 639 32.04 6.12 6.05
CA GLU A 639 32.19 6.61 4.70
C GLU A 639 32.51 8.10 4.74
N ALA A 640 33.47 8.51 3.94
CA ALA A 640 33.77 9.93 3.79
C ALA A 640 33.69 10.29 2.31
N ASP A 641 34.04 11.54 2.00
CA ASP A 641 34.02 12.01 0.62
C ASP A 641 34.74 11.05 -0.33
N GLY A 642 35.90 10.54 0.10
CA GLY A 642 36.68 9.65 -0.76
C GLY A 642 36.17 8.22 -0.87
N GLY A 643 35.31 7.80 0.05
CA GLY A 643 34.83 6.43 0.05
C GLY A 643 34.87 5.86 1.46
N ALA A 644 34.77 4.54 1.55
CA ALA A 644 34.83 3.86 2.83
C ALA A 644 36.20 4.02 3.47
N LEU A 645 36.21 4.44 4.75
CA LEU A 645 37.44 4.58 5.52
C LEU A 645 37.68 3.43 6.49
N ASP A 646 36.64 2.71 6.89
CA ASP A 646 36.74 1.66 7.89
C ASP A 646 35.43 0.88 7.86
N GLY A 647 35.48 -0.37 8.28
CA GLY A 647 34.33 -1.24 8.17
C GLY A 647 34.64 -2.62 8.71
N GLY A 648 33.58 -3.32 9.10
CA GLY A 648 33.73 -4.66 9.62
C GLY A 648 32.43 -5.17 10.21
N THR A 649 32.58 -6.18 11.07
CA THR A 649 31.48 -6.83 11.77
C THR A 649 31.78 -6.82 13.26
N VAL A 650 30.74 -6.76 14.08
CA VAL A 650 30.90 -6.78 15.52
C VAL A 650 29.98 -7.85 16.09
N ASP A 651 30.49 -8.60 17.06
CA ASP A 651 29.76 -9.72 17.64
C ASP A 651 28.84 -9.22 18.75
N VAL A 652 27.60 -9.66 18.73
CA VAL A 652 26.59 -9.25 19.69
C VAL A 652 26.01 -10.51 20.32
N ALA A 653 26.26 -10.69 21.62
CA ALA A 653 25.56 -11.73 22.34
C ALA A 653 24.06 -11.59 22.11
N PRO A 654 23.35 -12.67 21.76
CA PRO A 654 21.94 -12.55 21.37
C PRO A 654 21.11 -11.78 22.38
N VAL A 655 20.33 -10.82 21.86
CA VAL A 655 19.44 -10.01 22.67
C VAL A 655 18.05 -10.62 22.59
N ALA A 656 17.40 -10.74 23.74
CA ALA A 656 16.08 -11.36 23.80
C ALA A 656 15.01 -10.40 23.29
N PRO A 657 13.86 -10.92 22.86
CA PRO A 657 12.76 -10.04 22.44
C PRO A 657 12.43 -9.04 23.53
N GLN A 658 12.24 -7.78 23.13
CA GLN A 658 11.88 -6.69 24.02
C GLN A 658 12.98 -6.32 25.01
N SER A 659 14.21 -6.77 24.78
CA SER A 659 15.37 -6.40 25.58
C SER A 659 16.31 -5.52 24.75
N GLU A 660 17.26 -4.88 25.43
CA GLU A 660 18.24 -4.07 24.74
C GLU A 660 19.60 -4.20 25.41
N THR A 661 20.63 -3.81 24.66
CA THR A 661 22.00 -3.79 25.16
C THR A 661 22.78 -2.70 24.44
N VAL A 662 24.00 -2.45 24.91
CA VAL A 662 24.92 -1.52 24.30
C VAL A 662 26.09 -2.32 23.74
N VAL A 663 26.28 -2.21 22.42
CA VAL A 663 27.32 -2.93 21.69
C VAL A 663 28.48 -1.97 21.46
N GLU A 664 29.64 -2.30 22.01
CA GLU A 664 30.86 -1.56 21.72
C GLU A 664 31.24 -1.72 20.25
N LEU A 665 31.64 -0.62 19.62
CA LEU A 665 32.26 -0.74 18.31
C LEU A 665 33.77 -0.79 18.44
N PRO A 666 34.48 -1.31 17.44
CA PRO A 666 35.95 -1.36 17.53
C PRO A 666 36.57 0.03 17.70
N GLY A 667 37.59 0.10 18.56
CA GLY A 667 38.18 1.38 18.92
C GLY A 667 38.69 2.21 17.74
N SER A 668 39.05 1.54 16.64
CA SER A 668 39.44 2.25 15.43
C SER A 668 38.36 3.23 14.95
N VAL A 669 37.08 2.86 15.10
CA VAL A 669 35.99 3.73 14.65
C VAL A 669 36.00 5.05 15.42
N ALA A 670 35.93 4.96 16.76
CA ALA A 670 36.00 6.16 17.61
C ALA A 670 37.26 6.98 17.33
N ALA A 671 38.41 6.30 17.18
CA ALA A 671 39.67 7.02 16.93
C ALA A 671 39.59 7.81 15.62
N LEU A 672 39.07 7.17 14.57
CA LEU A 672 38.87 7.85 13.30
C LEU A 672 38.02 9.11 13.49
N ALA A 673 36.94 8.99 14.25
CA ALA A 673 36.04 10.11 14.49
C ALA A 673 36.73 11.24 15.24
N ALA A 674 37.53 10.88 16.26
CA ALA A 674 38.25 11.88 17.04
C ALA A 674 39.31 12.59 16.22
N GLY A 675 39.85 11.93 15.21
CA GLY A 675 40.89 12.52 14.39
C GLY A 675 40.42 13.29 13.19
N LEU A 676 39.10 13.39 12.96
CA LEU A 676 38.62 14.12 11.80
C LEU A 676 38.81 15.62 12.01
N SER A 677 39.33 16.30 10.99
CA SER A 677 39.37 17.75 11.03
C SER A 677 37.95 18.30 11.08
N ASP A 678 37.82 19.50 11.63
CA ASP A 678 36.51 20.13 11.74
C ASP A 678 35.95 20.44 10.36
N GLY A 679 34.65 20.18 10.20
CA GLY A 679 33.97 20.45 8.95
C GLY A 679 34.15 19.40 7.88
N ARG A 680 34.97 18.37 8.13
CA ARG A 680 35.07 17.26 7.18
C ARG A 680 33.92 16.30 7.42
N PRO A 681 33.07 16.04 6.42
CA PRO A 681 31.90 15.19 6.64
C PRO A 681 32.30 13.71 6.67
N ALA A 682 31.67 12.96 7.58
CA ALA A 682 31.82 11.51 7.63
C ALA A 682 30.55 10.90 8.21
N VAL A 683 30.20 9.71 7.73
CA VAL A 683 28.98 9.04 8.14
C VAL A 683 29.32 7.65 8.65
N LEU A 684 28.89 7.34 9.87
CA LEU A 684 29.01 5.99 10.43
C LEU A 684 27.64 5.31 10.36
N THR A 685 27.57 4.19 9.63
CA THR A 685 26.33 3.42 9.51
C THR A 685 26.51 2.03 10.10
N VAL A 686 25.62 1.67 11.02
CA VAL A 686 25.54 0.33 11.58
C VAL A 686 24.31 -0.34 11.01
N ARG A 687 24.50 -1.51 10.41
CA ARG A 687 23.40 -2.23 9.77
C ARG A 687 23.24 -3.61 10.37
N ALA A 688 21.99 -4.04 10.53
CA ALA A 688 21.65 -5.41 10.89
C ALA A 688 21.15 -6.09 9.62
N VAL A 689 21.93 -7.05 9.12
CA VAL A 689 21.61 -7.80 7.92
C VAL A 689 21.44 -9.28 8.29
N LEU A 690 20.71 -10.01 7.44
CA LEU A 690 20.55 -11.45 7.66
C LEU A 690 21.88 -12.15 7.52
N GLY A 691 22.25 -12.91 8.55
CA GLY A 691 23.48 -13.68 8.51
C GLY A 691 23.47 -14.77 7.45
N ALA A 692 22.30 -15.33 7.16
CA ALA A 692 22.17 -16.44 6.24
C ALA A 692 20.87 -16.30 5.47
N ASP A 693 20.87 -16.87 4.26
CA ASP A 693 19.67 -16.94 3.43
C ASP A 693 18.47 -17.38 4.26
N SER A 694 17.35 -16.72 4.04
CA SER A 694 16.08 -17.12 4.63
C SER A 694 15.16 -17.50 3.49
N ALA A 695 13.94 -17.92 3.84
CA ALA A 695 12.95 -18.26 2.83
C ALA A 695 12.52 -17.05 1.99
N TRP A 696 12.86 -15.83 2.39
CA TRP A 696 12.33 -14.64 1.75
C TRP A 696 13.38 -13.61 1.35
N ALA A 697 14.67 -13.84 1.65
CA ALA A 697 15.75 -12.98 1.16
C ALA A 697 17.09 -13.70 1.32
N ASP A 698 18.08 -13.24 0.55
CA ASP A 698 19.42 -13.80 0.64
C ASP A 698 20.22 -13.19 1.80
N ALA A 699 21.26 -13.90 2.22
CA ALA A 699 22.11 -13.41 3.30
C ALA A 699 22.65 -12.03 2.98
N GLY A 700 22.80 -11.21 4.03
CA GLY A 700 23.21 -9.84 3.87
C GLY A 700 22.08 -8.86 3.60
N HIS A 701 20.85 -9.35 3.42
CA HIS A 701 19.72 -8.44 3.22
C HIS A 701 19.54 -7.53 4.43
N GLU A 702 19.40 -6.23 4.18
CA GLU A 702 19.33 -5.26 5.26
C GLU A 702 17.95 -5.27 5.91
N VAL A 703 17.92 -5.37 7.23
CA VAL A 703 16.69 -5.41 8.00
C VAL A 703 16.50 -4.13 8.82
N ALA A 704 17.57 -3.60 9.40
CA ALA A 704 17.51 -2.38 10.20
C ALA A 704 18.86 -1.67 10.13
N TRP A 705 18.85 -0.39 10.47
CA TRP A 705 20.09 0.38 10.42
C TRP A 705 20.00 1.60 11.31
N GLY A 706 21.17 2.13 11.67
CA GLY A 706 21.30 3.43 12.31
C GLY A 706 22.59 4.10 11.89
N GLN A 707 22.66 5.42 12.12
CA GLN A 707 23.76 6.24 11.65
C GLN A 707 24.10 7.31 12.67
N SER A 708 25.35 7.75 12.63
CA SER A 708 25.78 9.00 13.25
C SER A 708 26.61 9.79 12.24
N VAL A 709 26.34 11.09 12.14
CA VAL A 709 26.90 11.93 11.08
C VAL A 709 27.75 13.05 11.68
N ARG A 710 28.97 13.21 11.15
CA ARG A 710 29.76 14.42 11.37
C ARG A 710 29.47 15.33 10.19
N GLU A 711 28.69 16.38 10.44
CA GLU A 711 28.20 17.18 9.34
C GLU A 711 29.30 18.08 8.79
N PRO A 712 29.29 18.36 7.49
CA PRO A 712 30.20 19.37 6.96
C PRO A 712 29.91 20.71 7.62
N GLY A 713 30.97 21.44 7.94
CA GLY A 713 30.80 22.78 8.44
C GLY A 713 30.05 23.66 7.46
N ALA A 714 29.56 24.80 7.97
CA ALA A 714 28.85 25.73 7.12
C ALA A 714 29.76 26.23 6.00
N PRO A 715 29.21 26.54 4.84
CA PRO A 715 30.04 27.05 3.74
C PRO A 715 30.51 28.46 4.01
N VAL A 716 31.71 28.78 3.55
CA VAL A 716 32.30 30.10 3.73
C VAL A 716 31.90 30.95 2.53
N PRO A 717 31.17 32.05 2.71
CA PRO A 717 30.94 32.97 1.61
C PRO A 717 32.24 33.36 0.96
N PRO A 718 32.30 33.47 -0.37
CA PRO A 718 33.52 33.95 -1.02
C PRO A 718 33.84 35.37 -0.55
N ALA A 719 35.11 35.72 -0.65
CA ALA A 719 35.50 37.09 -0.34
C ALA A 719 34.96 38.02 -1.41
N PRO A 720 34.27 39.09 -1.04
CA PRO A 720 33.70 40.03 -2.04
C PRO A 720 34.76 40.95 -2.66
N VAL A 721 35.67 40.36 -3.43
CA VAL A 721 36.79 41.09 -4.00
C VAL A 721 36.64 41.39 -5.49
N GLU A 722 35.84 40.65 -6.21
CA GLU A 722 35.54 41.09 -7.57
C GLU A 722 34.49 42.19 -7.55
N PRO A 723 34.58 43.20 -8.45
CA PRO A 723 33.59 44.27 -8.44
C PRO A 723 32.51 44.11 -9.51
N VAL A 724 31.52 44.99 -9.49
CA VAL A 724 30.41 44.98 -10.45
C VAL A 724 30.78 45.79 -11.68
N GLN A 725 30.78 45.13 -12.83
CA GLN A 725 31.06 45.78 -14.11
C GLN A 725 29.74 46.19 -14.77
N VAL A 726 29.56 47.50 -14.97
CA VAL A 726 28.31 48.07 -15.45
C VAL A 726 28.38 48.24 -16.97
N GLN A 727 27.38 47.73 -17.67
CA GLN A 727 27.17 48.00 -19.09
C GLN A 727 25.79 48.61 -19.27
N ASP A 728 25.45 48.91 -20.52
CA ASP A 728 24.16 49.54 -20.80
C ASP A 728 23.01 48.63 -20.36
N SER A 729 23.03 47.37 -20.79
CA SER A 729 21.92 46.46 -20.56
C SER A 729 22.32 45.23 -19.75
N GLU A 730 23.53 45.19 -19.21
CA GLU A 730 23.97 44.05 -18.42
C GLU A 730 24.90 44.53 -17.31
N LEU A 731 25.05 43.69 -16.30
CA LEU A 731 25.98 43.88 -15.20
C LEU A 731 26.71 42.56 -14.99
N THR A 732 28.01 42.63 -14.73
CA THR A 732 28.83 41.44 -14.56
C THR A 732 29.52 41.49 -13.20
N LEU A 733 29.41 40.39 -12.46
CA LEU A 733 30.08 40.22 -11.17
C LEU A 733 30.76 38.86 -11.20
N GLY A 734 32.07 38.86 -11.43
CA GLY A 734 32.81 37.62 -11.62
C GLY A 734 32.20 36.77 -12.72
N PRO A 735 31.84 35.53 -12.38
CA PRO A 735 31.24 34.62 -13.37
C PRO A 735 29.77 34.86 -13.64
N VAL A 736 29.13 35.84 -13.00
CA VAL A 736 27.69 36.05 -13.12
C VAL A 736 27.41 37.24 -14.04
N VAL A 737 26.56 37.03 -15.03
CA VAL A 737 26.04 38.11 -15.86
C VAL A 737 24.58 38.33 -15.49
N PHE A 738 24.24 39.57 -15.13
CA PHE A 738 22.87 39.94 -14.79
C PHE A 738 22.27 40.74 -15.94
N SER A 739 20.99 40.52 -16.21
CA SER A 739 20.25 41.45 -17.04
C SER A 739 20.00 42.71 -16.23
N ARG A 740 20.40 43.86 -16.77
CA ARG A 740 20.25 45.09 -16.02
C ARG A 740 18.78 45.49 -15.89
N ALA A 741 17.94 45.08 -16.84
CA ALA A 741 16.51 45.39 -16.77
C ALA A 741 15.85 44.68 -15.59
N THR A 742 16.10 43.37 -15.44
CA THR A 742 15.42 42.57 -14.41
C THR A 742 16.22 42.45 -13.13
N GLY A 743 17.53 42.68 -13.16
CA GLY A 743 18.36 42.40 -12.01
C GLY A 743 18.59 40.92 -11.72
N MET A 744 18.13 40.05 -12.59
CA MET A 744 18.28 38.62 -12.36
C MET A 744 19.49 38.08 -13.13
N PRO A 745 20.17 37.07 -12.59
CA PRO A 745 21.26 36.45 -13.33
C PRO A 745 20.78 35.90 -14.66
N THR A 746 21.60 36.11 -15.69
CA THR A 746 21.32 35.63 -17.03
C THR A 746 22.27 34.53 -17.47
N SER A 747 23.37 34.33 -16.75
CA SER A 747 24.28 33.21 -16.91
C SER A 747 25.22 33.21 -15.72
N ILE A 748 25.66 32.00 -15.33
CA ILE A 748 26.61 31.81 -14.23
C ILE A 748 27.69 30.87 -14.73
N GLY A 749 28.90 31.39 -14.93
CA GLY A 749 30.00 30.58 -15.44
C GLY A 749 29.72 29.97 -16.79
N GLY A 750 29.01 30.70 -17.66
CA GLY A 750 28.65 30.21 -18.97
C GLY A 750 27.37 29.38 -19.02
N VAL A 751 26.88 28.88 -17.88
CA VAL A 751 25.59 28.17 -17.86
C VAL A 751 24.46 29.19 -17.97
N PRO A 752 23.65 29.16 -19.03
CA PRO A 752 22.59 30.16 -19.18
C PRO A 752 21.51 30.01 -18.11
N VAL A 753 21.10 31.13 -17.53
CA VAL A 753 20.03 31.20 -16.55
C VAL A 753 18.87 31.93 -17.20
N GLU A 754 17.79 31.21 -17.46
CA GLU A 754 16.65 31.82 -18.11
C GLU A 754 15.68 32.46 -17.13
N LYS A 755 15.71 32.05 -15.86
CA LYS A 755 14.86 32.67 -14.85
CA LYS A 755 14.81 32.61 -14.86
C LYS A 755 15.36 32.27 -13.47
N LEU A 756 15.18 33.19 -12.52
CA LEU A 756 15.41 32.90 -11.11
C LEU A 756 14.37 33.67 -10.32
N GLY A 757 13.71 32.99 -9.37
CA GLY A 757 12.69 33.65 -8.58
C GLY A 757 12.29 32.81 -7.39
N LEU A 758 11.53 33.45 -6.50
CA LEU A 758 10.96 32.78 -5.35
C LEU A 758 9.92 31.76 -5.78
N THR A 759 9.86 30.65 -5.05
CA THR A 759 8.74 29.72 -5.11
C THR A 759 8.09 29.63 -3.74
N LEU A 760 6.76 29.49 -3.73
CA LEU A 760 5.96 29.25 -2.54
C LEU A 760 4.94 28.13 -2.75
N TRP A 761 4.98 27.44 -3.87
CA TRP A 761 3.91 26.55 -4.31
C TRP A 761 4.54 25.33 -4.96
N TRP A 762 3.80 24.22 -4.93
CA TRP A 762 4.21 23.04 -5.66
C TRP A 762 2.97 22.42 -6.28
N ALA A 763 3.18 21.63 -7.31
CA ALA A 763 2.11 20.96 -8.01
C ALA A 763 1.38 20.01 -7.05
N PRO A 764 0.11 20.23 -6.75
CA PRO A 764 -0.55 19.51 -5.64
C PRO A 764 -0.38 18.01 -5.73
N THR A 765 -0.01 17.41 -4.60
CA THR A 765 -0.03 15.96 -4.44
C THR A 765 -1.49 15.50 -4.35
N ASP A 766 -1.69 14.17 -4.32
CA ASP A 766 -3.03 13.64 -4.09
C ASP A 766 -3.55 14.08 -2.72
N ASN A 767 -2.68 14.11 -1.72
CA ASN A 767 -3.09 14.57 -0.40
C ASN A 767 -3.57 16.01 -0.44
N ASP A 768 -2.84 16.89 -1.17
CA ASP A 768 -3.23 18.30 -1.26
C ASP A 768 -4.57 18.48 -1.94
N LEU A 769 -5.05 17.47 -2.70
CA LEU A 769 -6.38 17.53 -3.32
C LEU A 769 -7.51 17.05 -2.40
N GLY A 770 -7.19 16.46 -1.25
CA GLY A 770 -8.22 16.08 -0.30
C GLY A 770 -8.65 17.24 0.58
N ARG A 771 -9.89 17.16 1.07
CA ARG A 771 -10.49 18.26 1.83
C ARG A 771 -9.86 18.36 3.21
N GLU A 772 -9.65 19.60 3.65
CA GLU A 772 -9.08 19.89 4.97
C GLU A 772 -10.22 19.91 5.99
N TRP A 773 -10.58 18.72 6.46
CA TRP A 773 -11.75 18.58 7.32
C TRP A 773 -11.54 19.23 8.68
N GLY A 774 -12.64 19.70 9.26
CA GLY A 774 -12.59 20.44 10.51
C GLY A 774 -12.45 21.93 10.29
N GLY A 775 -13.15 22.71 11.10
CA GLY A 775 -13.09 24.15 10.96
C GLY A 775 -13.95 24.66 9.83
N ALA A 776 -13.92 25.98 9.67
CA ALA A 776 -14.81 26.65 8.73
C ALA A 776 -14.35 26.54 7.28
N ASP A 777 -13.06 26.32 7.05
CA ASP A 777 -12.52 26.19 5.69
C ASP A 777 -12.24 24.73 5.42
N GLU A 778 -12.94 24.17 4.45
CA GLU A 778 -12.71 22.79 4.06
C GLU A 778 -12.34 22.68 2.60
N ARG A 779 -11.98 23.79 1.96
CA ARG A 779 -11.34 23.71 0.65
C ARG A 779 -10.09 22.86 0.76
N PRO A 780 -9.84 21.97 -0.20
CA PRO A 780 -8.53 21.29 -0.25
C PRO A 780 -7.41 22.32 -0.28
N LEU A 781 -6.26 21.90 0.21
CA LEU A 781 -5.10 22.76 0.18
C LEU A 781 -4.77 23.20 -1.25
N ALA A 782 -4.92 22.29 -2.21
CA ALA A 782 -4.68 22.67 -3.61
C ALA A 782 -5.56 23.83 -4.01
N THR A 783 -6.83 23.79 -3.59
CA THR A 783 -7.75 24.87 -3.91
C THR A 783 -7.41 26.16 -3.16
N GLN A 784 -7.10 26.06 -1.87
CA GLN A 784 -6.63 27.22 -1.13
C GLN A 784 -5.49 27.91 -1.86
N TRP A 785 -4.55 27.13 -2.41
CA TRP A 785 -3.39 27.70 -3.09
C TRP A 785 -3.80 28.38 -4.39
N LYS A 786 -4.64 27.72 -5.21
CA LYS A 786 -5.08 28.35 -6.44
C LYS A 786 -5.83 29.65 -6.15
N ASP A 787 -6.77 29.61 -5.20
CA ASP A 787 -7.49 30.83 -4.82
C ASP A 787 -6.52 31.93 -4.43
N ALA A 788 -5.41 31.57 -3.77
CA ALA A 788 -4.47 32.56 -3.27
C ALA A 788 -3.48 33.03 -4.34
N GLY A 789 -3.41 32.36 -5.49
CA GLY A 789 -2.49 32.75 -6.54
C GLY A 789 -1.06 32.27 -6.35
N LEU A 790 -0.81 31.36 -5.42
CA LEU A 790 0.56 30.87 -5.19
C LEU A 790 1.15 30.22 -6.42
N ASN A 791 0.34 29.76 -7.37
CA ASN A 791 0.89 29.14 -8.56
C ASN A 791 1.23 30.14 -9.66
N ARG A 792 0.92 31.41 -9.45
CA ARG A 792 1.04 32.42 -10.47
C ARG A 792 1.66 33.68 -9.86
N LEU A 793 2.79 33.49 -9.19
CA LEU A 793 3.46 34.61 -8.56
C LEU A 793 4.06 35.54 -9.61
N HIS A 794 4.11 36.82 -9.28
CA HIS A 794 4.75 37.81 -10.13
C HIS A 794 5.70 38.63 -9.28
N THR A 795 6.72 39.18 -9.94
CA THR A 795 7.81 39.85 -9.25
C THR A 795 7.98 41.25 -9.83
N ARG A 796 7.94 42.25 -8.95
CA ARG A 796 8.26 43.62 -9.33
C ARG A 796 9.64 43.98 -8.82
N LEU A 797 10.44 44.62 -9.68
CA LEU A 797 11.76 45.07 -9.30
C LEU A 797 11.67 46.41 -8.57
N LEU A 798 12.38 46.52 -7.46
CA LEU A 798 12.35 47.74 -6.65
C LEU A 798 13.63 48.56 -6.76
N GLY A 799 14.80 47.91 -6.82
CA GLY A 799 16.04 48.61 -7.03
C GLY A 799 17.19 47.64 -7.19
N ILE A 800 18.29 48.16 -7.75
CA ILE A 800 19.54 47.43 -7.90
C ILE A 800 20.65 48.35 -7.42
N SER A 801 21.34 47.95 -6.35
CA SER A 801 22.46 48.71 -5.80
C SER A 801 23.71 47.85 -5.76
N ALA A 802 24.85 48.46 -6.10
CA ALA A 802 26.15 47.88 -5.85
C ALA A 802 26.78 48.57 -4.65
N ASN A 803 27.37 47.79 -3.75
CA ASN A 803 27.77 48.35 -2.48
C ASN A 803 29.19 47.92 -2.12
N PRO A 804 29.90 48.73 -1.31
CA PRO A 804 31.33 48.45 -1.08
C PRO A 804 31.55 47.11 -0.39
N GLY A 805 32.37 46.27 -1.02
CA GLY A 805 32.65 44.92 -0.57
C GLY A 805 33.99 44.89 0.16
N GLN A 806 35.06 44.51 -0.55
CA GLN A 806 36.34 44.25 0.09
C GLN A 806 37.46 44.42 -0.90
N ASP A 807 38.37 45.37 -0.64
CA ASP A 807 39.58 45.61 -1.42
C ASP A 807 39.27 45.74 -2.91
N GLY A 808 38.39 46.71 -3.21
CA GLY A 808 37.99 47.01 -4.56
C GLY A 808 36.73 46.30 -5.02
N GLY A 809 36.41 45.14 -4.44
CA GLY A 809 35.24 44.42 -4.86
C GLY A 809 33.96 45.00 -4.30
N GLU A 810 32.84 44.60 -4.88
CA GLU A 810 31.55 45.03 -4.37
C GLU A 810 30.55 43.87 -4.38
N THR A 811 29.55 43.97 -3.50
CA THR A 811 28.39 43.10 -3.54
C THR A 811 27.29 43.77 -4.33
N LEU A 812 26.40 42.97 -4.90
CA LEU A 812 25.27 43.46 -5.66
C LEU A 812 23.99 43.04 -4.94
N THR A 813 23.14 44.01 -4.61
CA THR A 813 21.85 43.70 -3.99
C THR A 813 20.72 44.04 -4.96
N VAL A 814 19.85 43.07 -5.19
CA VAL A 814 18.67 43.22 -6.04
C VAL A 814 17.44 43.11 -5.15
N ARG A 815 16.67 44.20 -5.06
CA ARG A 815 15.47 44.25 -4.23
C ARG A 815 14.23 44.02 -5.10
N THR A 816 13.37 43.09 -4.68
CA THR A 816 12.16 42.72 -5.41
C THR A 816 11.00 42.53 -4.44
N ARG A 817 9.79 42.62 -4.96
CA ARG A 817 8.59 42.21 -4.23
C ARG A 817 7.82 41.19 -5.05
N VAL A 818 7.44 40.09 -4.40
CA VAL A 818 6.72 38.99 -5.04
C VAL A 818 5.28 38.99 -4.52
N SER A 819 4.34 38.80 -5.42
CA SER A 819 2.91 38.79 -5.08
C SER A 819 2.19 38.04 -6.19
N ALA A 820 0.88 38.26 -6.30
CA ALA A 820 0.07 37.66 -7.34
C ALA A 820 -1.01 38.65 -7.72
N ALA A 821 -1.51 38.52 -8.94
CA ALA A 821 -2.55 39.41 -9.45
C ALA A 821 -3.77 39.39 -8.54
N ASP A 822 -4.28 40.58 -8.22
CA ASP A 822 -5.46 40.83 -7.38
C ASP A 822 -5.20 40.65 -5.89
N LYS A 823 -3.98 40.37 -5.46
CA LYS A 823 -3.67 40.18 -4.04
C LYS A 823 -2.93 41.38 -3.50
N GLN A 824 -3.26 41.78 -2.27
CA GLN A 824 -2.52 42.85 -1.60
C GLN A 824 -1.32 42.33 -0.81
N TYR A 825 -1.29 41.04 -0.45
CA TYR A 825 -0.19 40.50 0.33
C TYR A 825 1.00 40.19 -0.57
N GLY A 826 2.20 40.26 0.00
CA GLY A 826 3.41 40.05 -0.75
C GLY A 826 4.55 39.62 0.15
N VAL A 827 5.68 39.30 -0.47
CA VAL A 827 6.94 39.16 0.26
C VAL A 827 7.99 40.01 -0.43
N LEU A 828 8.76 40.73 0.36
CA LEU A 828 9.96 41.38 -0.14
C LEU A 828 11.10 40.36 -0.15
N VAL A 829 11.76 40.24 -1.29
CA VAL A 829 12.86 39.30 -1.48
C VAL A 829 14.08 40.11 -1.93
N ASP A 830 15.20 39.95 -1.21
CA ASP A 830 16.43 40.66 -1.51
C ASP A 830 17.53 39.67 -1.81
N TYR A 831 18.15 39.79 -2.99
CA TYR A 831 19.28 38.97 -3.37
C TYR A 831 20.56 39.80 -3.25
N THR A 832 21.49 39.33 -2.43
CA THR A 832 22.82 39.94 -2.30
C THR A 832 23.86 38.98 -2.87
N TRP A 833 24.47 39.36 -3.98
CA TRP A 833 25.45 38.54 -4.67
C TRP A 833 26.86 39.01 -4.36
N SER A 834 27.80 38.06 -4.33
CA SER A 834 29.21 38.33 -4.07
C SER A 834 30.04 37.23 -4.71
N THR A 835 31.27 37.58 -5.10
CA THR A 835 32.15 36.62 -5.74
C THR A 835 33.60 37.03 -5.52
N ASP A 836 34.47 36.02 -5.44
CA ASP A 836 35.90 36.25 -5.52
C ASP A 836 36.47 35.82 -6.87
N GLY A 837 35.59 35.54 -7.85
CA GLY A 837 35.96 35.04 -9.14
C GLY A 837 35.72 33.56 -9.32
N GLU A 838 35.81 32.78 -8.24
CA GLU A 838 35.57 31.33 -8.28
C GLU A 838 34.20 30.95 -7.71
N THR A 839 33.95 31.32 -6.47
CA THR A 839 32.68 31.03 -5.81
C THR A 839 31.76 32.25 -5.84
N VAL A 840 30.49 31.99 -6.11
CA VAL A 840 29.44 32.99 -6.04
C VAL A 840 28.70 32.81 -4.72
N GLY A 841 28.50 33.91 -4.00
CA GLY A 841 27.77 33.90 -2.74
C GLY A 841 26.43 34.59 -2.91
N LEU A 842 25.36 33.90 -2.51
CA LEU A 842 23.99 34.40 -2.62
C LEU A 842 23.29 34.34 -1.27
N ARG A 843 23.03 35.50 -0.69
CA ARG A 843 22.20 35.64 0.50
C ARG A 843 20.79 36.05 0.05
N THR A 844 19.77 35.33 0.51
CA THR A 844 18.38 35.64 0.17
C THR A 844 17.64 35.96 1.45
N GLN A 845 16.88 37.05 1.42
CA GLN A 845 16.10 37.48 2.57
C GLN A 845 14.66 37.68 2.14
N VAL A 846 13.75 37.07 2.90
CA VAL A 846 12.33 37.01 2.57
C VAL A 846 11.60 37.67 3.72
N ARG A 847 10.79 38.68 3.43
CA ARG A 847 10.05 39.40 4.45
C ARG A 847 8.58 39.52 4.05
N ARG A 848 7.69 39.08 4.92
CA ARG A 848 6.26 39.21 4.68
C ARG A 848 5.90 40.69 4.58
N ASP A 849 5.01 41.01 3.65
CA ASP A 849 4.46 42.36 3.49
C ASP A 849 2.94 42.24 3.43
N GLY A 850 2.25 42.72 4.47
CA GLY A 850 0.81 42.54 4.58
C GLY A 850 0.44 41.16 5.13
N THR A 851 -0.86 41.01 5.43
CA THR A 851 -1.38 39.76 6.00
C THR A 851 -1.74 38.79 4.89
N TRP A 852 -1.20 37.59 4.97
CA TRP A 852 -1.44 36.54 3.98
C TRP A 852 -2.75 35.82 4.29
N VAL A 853 -3.85 36.53 4.05
CA VAL A 853 -5.19 35.99 4.23
C VAL A 853 -5.94 36.17 2.91
N ASN A 854 -6.75 35.17 2.56
CA ASN A 854 -7.47 35.18 1.30
C ASN A 854 -8.78 34.41 1.48
N ARG A 855 -9.89 34.98 0.98
CA ARG A 855 -11.21 34.39 1.15
C ARG A 855 -11.51 34.10 2.61
N GLY A 856 -11.01 34.96 3.51
CA GLY A 856 -11.30 34.84 4.93
C GLY A 856 -10.38 33.92 5.74
N PHE A 857 -9.46 33.21 5.10
CA PHE A 857 -8.64 32.23 5.80
C PHE A 857 -7.17 32.44 5.49
N GLU A 858 -6.32 32.18 6.49
CA GLU A 858 -4.89 32.19 6.29
C GLU A 858 -4.47 31.36 5.09
N VAL A 859 -3.49 31.85 4.38
CA VAL A 859 -2.81 31.13 3.32
C VAL A 859 -1.64 30.39 3.94
N GLU A 860 -1.41 29.16 3.50
CA GLU A 860 -0.23 28.41 3.90
C GLU A 860 0.63 28.18 2.67
N TRP A 861 1.93 28.05 2.88
CA TRP A 861 2.83 27.87 1.76
C TRP A 861 3.24 26.42 1.64
N ALA A 862 3.59 26.02 0.40
CA ALA A 862 4.16 24.70 0.16
C ALA A 862 5.63 24.67 0.51
N ARG A 863 6.30 25.82 0.42
CA ARG A 863 7.75 25.89 0.46
C ARG A 863 8.16 27.35 0.60
N ILE A 864 9.42 27.55 0.96
CA ILE A 864 10.15 28.81 0.76
C ILE A 864 11.45 28.43 0.05
N GLY A 865 11.53 28.72 -1.24
CA GLY A 865 12.74 28.40 -1.97
C GLY A 865 12.96 29.25 -3.22
N LEU A 866 13.90 28.80 -4.05
CA LEU A 866 14.20 29.44 -5.33
C LEU A 866 14.04 28.43 -6.46
N GLU A 867 13.67 28.94 -7.63
CA GLU A 867 13.65 28.13 -8.84
C GLU A 867 14.64 28.73 -9.83
N PHE A 868 15.70 27.97 -10.12
CA PHE A 868 16.59 28.29 -11.22
C PHE A 868 16.11 27.55 -12.47
N VAL A 869 15.80 28.29 -13.53
CA VAL A 869 15.54 27.68 -14.84
C VAL A 869 16.82 27.85 -15.65
N LEU A 870 17.54 26.76 -15.84
CA LEU A 870 18.76 26.77 -16.62
C LEU A 870 18.46 26.43 -18.07
N GLY A 871 19.18 27.07 -18.99
CA GLY A 871 18.98 26.87 -20.42
C GLY A 871 19.69 25.69 -21.03
N GLU A 872 20.20 24.76 -20.20
CA GLU A 872 20.78 23.51 -20.66
C GLU A 872 20.09 22.35 -19.98
N GLU A 873 20.17 21.17 -20.60
CA GLU A 873 19.70 19.93 -19.99
C GLU A 873 20.67 19.41 -18.94
N THR A 874 20.13 18.65 -17.99
CA THR A 874 20.94 18.03 -16.95
C THR A 874 20.98 16.52 -17.20
N GLU A 875 22.17 15.94 -17.09
CA GLU A 875 22.29 14.50 -17.24
C GLU A 875 22.44 13.78 -15.92
N LEU A 876 23.10 14.40 -14.95
CA LEU A 876 23.42 13.74 -13.70
C LEU A 876 23.23 14.71 -12.55
N VAL A 877 22.70 14.20 -11.43
CA VAL A 877 22.53 14.98 -10.21
C VAL A 877 23.17 14.21 -9.06
N SER A 878 24.09 14.87 -8.35
CA SER A 878 24.77 14.31 -7.20
C SER A 878 24.58 15.24 -6.02
N TRP A 879 24.57 14.68 -4.81
CA TRP A 879 24.38 15.49 -3.62
C TRP A 879 24.89 14.75 -2.39
N PHE A 880 25.25 15.53 -1.37
CA PHE A 880 25.43 15.01 -0.02
C PHE A 880 24.22 15.39 0.82
N GLY A 881 23.58 14.38 1.42
CA GLY A 881 22.37 14.61 2.21
C GLY A 881 21.63 13.32 2.54
N GLN A 882 20.31 13.31 2.28
CA GLN A 882 19.48 12.13 2.50
C GLN A 882 19.19 11.47 1.17
N GLY A 883 19.23 10.15 1.16
CA GLY A 883 18.89 9.45 -0.05
C GLY A 883 18.91 7.95 0.08
N PRO A 884 18.84 7.24 -1.06
CA PRO A 884 18.78 7.89 -2.38
C PRO A 884 17.42 8.48 -2.77
N HIS A 885 16.33 7.98 -2.22
CA HIS A 885 14.99 8.38 -2.66
C HIS A 885 14.56 9.69 -1.99
N GLN A 886 13.40 10.20 -2.41
CA GLN A 886 12.89 11.50 -1.98
C GLN A 886 12.64 11.55 -0.47
N SER A 887 12.53 12.78 0.05
CA SER A 887 12.20 12.97 1.45
C SER A 887 11.62 14.36 1.65
N TYR A 888 10.47 14.43 2.34
CA TYR A 888 9.77 15.64 2.76
C TYR A 888 9.78 15.67 4.29
N PRO A 889 9.43 16.80 4.94
CA PRO A 889 9.55 16.88 6.41
C PRO A 889 8.88 15.76 7.20
N ASP A 890 7.73 15.25 6.75
CA ASP A 890 7.08 14.18 7.49
C ASP A 890 7.24 12.82 6.81
N THR A 891 8.17 12.69 5.87
CA THR A 891 8.49 11.41 5.25
C THR A 891 10.00 11.25 5.25
N GLY A 892 10.51 10.39 4.37
CA GLY A 892 11.93 10.19 4.19
C GLY A 892 12.65 9.43 5.29
N GLN A 893 11.92 8.70 6.14
CA GLN A 893 12.58 7.87 7.14
C GLN A 893 13.56 6.90 6.50
N GLY A 894 13.24 6.39 5.31
CA GLY A 894 14.13 5.46 4.62
C GLY A 894 15.32 6.12 3.94
N ALA A 895 15.32 7.44 3.82
CA ALA A 895 16.45 8.13 3.23
C ALA A 895 17.53 8.27 4.30
N ARG A 896 18.71 7.73 4.03
CA ARG A 896 19.79 7.80 4.99
C ARG A 896 20.81 8.86 4.55
N ALA A 897 21.65 9.26 5.49
CA ALA A 897 22.73 10.19 5.22
C ALA A 897 23.81 9.54 4.35
N GLY A 898 24.31 10.27 3.37
CA GLY A 898 25.37 9.76 2.55
C GLY A 898 25.59 10.60 1.31
N TRP A 899 26.34 10.03 0.37
CA TRP A 899 26.64 10.64 -0.92
C TRP A 899 25.93 9.86 -2.01
N PHE A 900 25.18 10.56 -2.85
CA PHE A 900 24.33 9.93 -3.84
C PHE A 900 24.52 10.60 -5.20
N SER A 901 24.23 9.84 -6.26
CA SER A 901 24.40 10.34 -7.61
C SER A 901 23.49 9.52 -8.52
N LEU A 902 22.64 10.20 -9.29
CA LEU A 902 21.66 9.55 -10.12
C LEU A 902 21.51 10.28 -11.44
N PRO A 903 21.24 9.55 -12.53
CA PRO A 903 20.79 10.20 -13.76
C PRO A 903 19.47 10.92 -13.55
N LEU A 904 19.29 12.04 -14.24
CA LEU A 904 18.17 12.93 -13.99
C LEU A 904 16.85 12.16 -13.92
N ALA A 905 16.61 11.25 -14.87
CA ALA A 905 15.32 10.59 -14.95
C ALA A 905 15.04 9.73 -13.72
N LYS A 906 16.08 9.29 -13.03
CA LYS A 906 15.91 8.52 -11.80
C LYS A 906 15.75 9.40 -10.56
N MET A 907 15.78 10.73 -10.71
CA MET A 907 15.40 11.63 -9.62
C MET A 907 13.90 11.76 -9.49
N ASP A 908 13.16 11.46 -10.55
CA ASP A 908 11.73 11.62 -10.60
C ASP A 908 11.05 10.36 -10.03
N VAL A 909 9.75 10.48 -9.75
CA VAL A 909 8.97 9.38 -9.21
C VAL A 909 7.77 9.16 -10.13
N GLU A 910 7.56 7.91 -10.53
CA GLU A 910 6.62 7.58 -11.61
C GLU A 910 5.19 7.37 -11.10
N TYR A 911 4.74 8.28 -10.24
CA TYR A 911 3.34 8.28 -9.81
C TYR A 911 2.42 8.32 -11.03
N VAL A 912 1.28 7.64 -10.95
CA VAL A 912 0.44 7.53 -12.14
C VAL A 912 -0.16 8.88 -12.52
N ARG A 913 -0.66 9.64 -11.54
CA ARG A 913 -0.97 11.04 -11.79
C ARG A 913 0.24 11.87 -11.38
N PRO A 914 0.92 12.54 -12.30
CA PRO A 914 2.11 13.31 -11.91
C PRO A 914 1.74 14.42 -10.93
N GLN A 915 2.65 14.68 -10.00
CA GLN A 915 2.41 15.54 -8.85
C GLN A 915 3.76 15.85 -8.24
N GLU A 916 3.76 16.74 -7.27
CA GLU A 916 5.02 17.07 -6.63
C GLU A 916 5.64 15.83 -6.02
N CYS A 917 6.90 15.59 -6.36
CA CYS A 917 7.68 14.48 -5.88
C CYS A 917 9.13 14.79 -6.16
N GLY A 918 10.02 14.02 -5.54
CA GLY A 918 11.40 14.01 -5.93
C GLY A 918 12.29 14.99 -5.20
N ALA A 919 11.76 15.79 -4.28
CA ALA A 919 12.61 16.62 -3.45
C ALA A 919 13.50 15.76 -2.56
N ARG A 920 14.75 16.17 -2.40
CA ARG A 920 15.69 15.52 -1.47
C ARG A 920 15.95 16.50 -0.35
N SER A 921 15.24 16.35 0.76
CA SER A 921 15.43 17.22 1.91
C SER A 921 16.76 16.96 2.61
N GLY A 922 17.18 17.93 3.41
CA GLY A 922 18.37 17.75 4.24
C GLY A 922 19.66 17.74 3.47
N SER A 923 19.69 18.36 2.29
CA SER A 923 20.87 18.38 1.46
C SER A 923 21.84 19.46 1.93
N ARG A 924 23.13 19.14 1.91
CA ARG A 924 24.19 20.08 2.26
CA ARG A 924 24.15 20.12 2.26
C ARG A 924 24.99 20.55 1.07
N SER A 925 25.04 19.77 -0.01
CA SER A 925 25.75 20.13 -1.24
C SER A 925 25.15 19.33 -2.38
N ALA A 926 25.29 19.86 -3.59
CA ALA A 926 24.66 19.30 -4.76
C ALA A 926 25.47 19.66 -6.00
N ALA A 927 25.46 18.77 -7.00
CA ALA A 927 26.19 19.00 -8.25
C ALA A 927 25.38 18.49 -9.43
N LEU A 928 25.11 19.40 -10.36
CA LEU A 928 24.37 19.11 -11.58
C LEU A 928 25.35 19.11 -12.74
N GLN A 929 25.40 18.01 -13.48
CA GLN A 929 26.22 17.94 -14.69
C GLN A 929 25.34 18.37 -15.86
N LEU A 930 25.61 19.58 -16.35
CA LEU A 930 24.94 20.14 -17.52
C LEU A 930 25.89 20.03 -18.70
N GLY A 931 25.93 18.83 -19.27
CA GLY A 931 26.84 18.53 -20.36
C GLY A 931 28.27 18.48 -19.89
N GLY A 932 29.10 19.37 -20.43
CA GLY A 932 30.49 19.41 -20.03
C GLY A 932 30.70 20.07 -18.67
N ARG A 933 29.90 21.08 -18.36
CA ARG A 933 30.06 21.85 -17.13
C ARG A 933 29.30 21.21 -15.98
N THR A 934 29.74 21.52 -14.76
CA THR A 934 29.14 21.04 -13.53
C THR A 934 28.83 22.23 -12.64
N LEU A 935 27.56 22.35 -12.23
CA LEU A 935 27.13 23.42 -11.34
C LEU A 935 27.06 22.87 -9.92
N GLU A 936 27.86 23.45 -9.02
CA GLU A 936 27.96 22.98 -7.64
C GLU A 936 27.27 23.98 -6.74
N ILE A 937 26.28 23.50 -5.97
CA ILE A 937 25.54 24.30 -5.01
C ILE A 937 25.86 23.81 -3.62
N CYS A 938 26.15 24.72 -2.72
CA CYS A 938 26.35 24.39 -1.31
CA CYS A 938 26.36 24.40 -1.32
C CYS A 938 25.59 25.41 -0.47
N GLY A 939 25.54 25.14 0.82
CA GLY A 939 24.85 26.04 1.71
C GLY A 939 24.31 25.28 2.91
N ASP A 940 23.56 26.00 3.73
CA ASP A 940 22.92 25.38 4.87
C ASP A 940 21.83 24.44 4.38
N PRO A 941 21.35 23.53 5.26
CA PRO A 941 20.40 22.50 4.81
C PRO A 941 19.28 23.02 3.93
N PHE A 942 19.19 22.43 2.74
CA PHE A 942 18.16 22.80 1.77
C PHE A 942 17.61 21.53 1.16
N ALA A 943 16.46 21.66 0.50
CA ALA A 943 15.89 20.56 -0.26
C ALA A 943 16.22 20.74 -1.74
N LEU A 944 16.55 19.64 -2.41
CA LEU A 944 17.01 19.68 -3.79
C LEU A 944 16.04 18.94 -4.70
N THR A 945 15.61 19.61 -5.78
CA THR A 945 14.82 18.96 -6.82
C THR A 945 15.29 19.41 -8.20
N VAL A 946 15.40 18.47 -9.13
CA VAL A 946 15.77 18.78 -10.51
C VAL A 946 14.84 18.05 -11.46
N ARG A 947 14.31 18.76 -12.45
CA ARG A 947 13.36 18.23 -13.41
C ARG A 947 13.69 18.75 -14.80
N PRO A 948 13.27 18.02 -15.85
CA PRO A 948 13.34 18.55 -17.22
C PRO A 948 12.08 19.29 -17.70
N TYR A 949 11.17 19.66 -16.77
CA TYR A 949 9.92 20.31 -17.14
C TYR A 949 9.45 21.15 -15.96
N SER A 950 8.55 22.10 -16.25
CA SER A 950 8.16 23.10 -15.27
C SER A 950 7.06 22.59 -14.35
N GLN A 951 6.84 23.32 -13.25
CA GLN A 951 5.80 22.93 -12.30
C GLN A 951 4.41 22.98 -12.94
N ASP A 952 4.19 23.88 -13.90
CA ASP A 952 2.89 23.94 -14.56
C ASP A 952 2.70 22.76 -15.50
N VAL A 953 3.78 22.30 -16.15
CA VAL A 953 3.68 21.08 -16.94
C VAL A 953 3.42 19.88 -16.03
N LEU A 954 4.02 19.88 -14.83
CA LEU A 954 3.78 18.81 -13.86
C LEU A 954 2.34 18.84 -13.37
N ASP A 955 1.83 20.01 -12.99
CA ASP A 955 0.48 20.11 -12.46
C ASP A 955 -0.56 19.77 -13.51
N ALA A 956 -0.38 20.22 -14.76
CA ALA A 956 -1.34 19.95 -15.82
C ALA A 956 -1.40 18.48 -16.21
N ALA A 957 -0.33 17.73 -15.99
CA ALA A 957 -0.27 16.38 -16.49
C ALA A 957 -1.17 15.46 -15.66
N ALA A 958 -2.06 14.74 -16.34
CA ALA A 958 -2.91 13.74 -15.69
C ALA A 958 -2.32 12.34 -15.75
N HIS A 959 -1.53 12.06 -16.79
CA HIS A 959 -0.80 10.81 -16.94
C HIS A 959 0.64 11.13 -17.32
N ARG A 960 1.52 10.15 -17.12
CA ARG A 960 2.95 10.38 -17.35
C ARG A 960 3.29 10.76 -18.80
N PRO A 961 2.65 10.20 -19.84
CA PRO A 961 2.94 10.69 -21.19
C PRO A 961 2.61 12.17 -21.41
N ASP A 962 1.85 12.82 -20.52
CA ASP A 962 1.56 14.25 -20.65
C ASP A 962 2.74 15.14 -20.24
N LEU A 963 3.72 14.61 -19.50
CA LEU A 963 4.92 15.36 -19.19
C LEU A 963 5.77 15.48 -20.44
N LYS A 964 6.25 16.70 -20.73
CA LYS A 964 7.06 16.95 -21.92
C LYS A 964 8.30 17.74 -21.53
N ALA A 965 9.46 17.25 -21.95
CA ALA A 965 10.70 17.98 -21.74
C ALA A 965 10.80 19.14 -22.73
N ASP A 966 11.36 20.25 -22.27
CA ASP A 966 11.50 21.42 -23.12
C ASP A 966 12.95 21.83 -23.33
N GLY A 967 13.90 21.00 -22.90
CA GLY A 967 15.29 21.31 -23.08
C GLY A 967 15.93 22.16 -22.01
N ARG A 968 15.20 22.57 -20.98
CA ARG A 968 15.79 23.31 -19.88
C ARG A 968 15.98 22.43 -18.66
N THR A 969 16.59 22.99 -17.62
CA THR A 969 16.73 22.37 -16.31
C THR A 969 15.99 23.21 -15.30
N TYR A 970 15.06 22.60 -14.58
CA TYR A 970 14.33 23.25 -13.51
C TYR A 970 14.91 22.80 -12.17
N LEU A 971 15.59 23.73 -11.50
CA LEU A 971 16.33 23.45 -10.28
C LEU A 971 15.64 24.16 -9.12
N TYR A 972 15.28 23.40 -8.09
CA TYR A 972 14.60 23.92 -6.91
C TYR A 972 15.52 23.77 -5.70
N VAL A 973 15.83 24.89 -5.04
CA VAL A 973 16.61 24.92 -3.80
C VAL A 973 15.68 25.52 -2.76
N ASP A 974 15.21 24.70 -1.82
CA ASP A 974 14.21 25.13 -0.84
C ASP A 974 14.87 25.31 0.53
N HIS A 975 14.63 26.47 1.13
CA HIS A 975 15.02 26.66 2.53
C HIS A 975 14.00 26.06 3.48
N ALA A 976 12.75 25.91 3.04
CA ALA A 976 11.74 25.29 3.89
C ALA A 976 10.71 24.60 3.01
N LEU A 977 10.16 23.49 3.52
CA LEU A 977 9.10 22.70 2.88
C LEU A 977 8.02 22.38 3.89
N ARG A 978 6.78 22.27 3.42
CA ARG A 978 5.79 21.69 4.32
C ARG A 978 5.74 20.16 4.15
N GLY A 979 5.11 19.50 5.11
CA GLY A 979 4.95 18.06 5.00
C GLY A 979 3.94 17.70 3.94
N VAL A 980 3.82 16.40 3.67
CA VAL A 980 2.87 15.93 2.68
C VAL A 980 1.62 15.32 3.31
N GLY A 981 1.64 14.92 4.59
CA GLY A 981 0.47 14.39 5.30
C GLY A 981 -0.16 13.16 4.65
N THR A 982 -1.45 12.95 4.92
CA THR A 982 -2.27 11.90 4.27
C THR A 982 -3.70 12.39 4.04
N ALA A 983 -3.88 13.67 3.70
CA ALA A 983 -5.23 14.25 3.60
C ALA A 983 -6.09 13.63 2.50
N ALA A 984 -5.54 12.86 1.56
CA ALA A 984 -6.43 12.19 0.60
C ALA A 984 -7.39 11.26 1.33
N CYS A 985 -6.99 10.74 2.48
CA CYS A 985 -7.87 9.94 3.33
C CYS A 985 -7.26 9.83 4.73
N GLY A 986 -7.84 10.54 5.69
CA GLY A 986 -7.28 10.62 7.02
C GLY A 986 -6.57 11.93 7.30
N PRO A 987 -5.71 11.94 8.32
CA PRO A 987 -5.11 13.21 8.78
C PRO A 987 -4.32 13.95 7.71
N GLY A 988 -4.46 15.28 7.72
CA GLY A 988 -3.57 16.16 6.99
C GLY A 988 -2.21 16.26 7.64
N VAL A 989 -1.40 17.20 7.14
CA VAL A 989 -0.07 17.43 7.69
C VAL A 989 -0.21 17.78 9.17
N LEU A 990 0.58 17.09 10.00
CA LEU A 990 0.61 17.41 11.42
C LEU A 990 1.14 18.82 11.65
N GLU A 991 0.73 19.41 12.78
CA GLU A 991 1.01 20.81 13.09
C GLU A 991 2.49 21.15 12.88
N GLN A 992 3.38 20.36 13.45
CA GLN A 992 4.81 20.64 13.40
C GLN A 992 5.37 20.64 11.99
N TYR A 993 4.64 20.11 11.00
CA TYR A 993 5.12 20.12 9.63
C TYR A 993 4.37 21.10 8.72
N ARG A 994 3.42 21.86 9.24
CA ARG A 994 2.79 22.88 8.41
C ARG A 994 3.76 24.03 8.15
N LEU A 995 3.41 24.88 7.19
CA LEU A 995 4.29 25.99 6.81
C LEU A 995 3.47 27.27 6.67
N LYS A 996 3.26 27.97 7.79
CA LYS A 996 2.65 29.30 7.76
C LYS A 996 3.64 30.33 7.24
N PRO A 997 3.15 31.38 6.56
CA PRO A 997 4.06 32.42 6.06
C PRO A 997 4.94 32.97 7.17
N ARG A 998 6.18 33.28 6.82
CA ARG A 998 7.10 33.78 7.82
C ARG A 998 8.25 34.47 7.11
N ASP A 999 9.01 35.25 7.88
CA ASP A 999 10.26 35.79 7.36
C ASP A 999 11.33 34.69 7.34
N ALA A 1000 12.24 34.80 6.38
CA ALA A 1000 13.30 33.80 6.29
C ALA A 1000 14.54 34.42 5.66
N ASP A 1001 15.68 33.81 5.92
CA ASP A 1001 16.94 34.22 5.32
C ASP A 1001 17.84 33.00 5.20
N PHE A 1002 18.58 32.92 4.10
CA PHE A 1002 19.44 31.77 3.89
C PHE A 1002 20.53 32.09 2.88
N ILE A 1003 21.67 31.41 3.05
CA ILE A 1003 22.86 31.63 2.25
C ILE A 1003 23.12 30.41 1.38
N LEU A 1004 23.54 30.66 0.14
CA LEU A 1004 24.03 29.62 -0.75
C LEU A 1004 25.37 30.06 -1.31
N THR A 1005 26.18 29.08 -1.70
CA THR A 1005 27.31 29.30 -2.58
C THR A 1005 27.09 28.53 -3.87
N LEU A 1006 27.52 29.11 -4.98
CA LEU A 1006 27.41 28.49 -6.29
C LEU A 1006 28.78 28.51 -6.95
N LYS A 1007 29.04 27.51 -7.80
CA LYS A 1007 30.33 27.40 -8.48
C LYS A 1007 30.15 26.54 -9.71
N VAL A 1008 30.64 27.02 -10.85
CA VAL A 1008 30.56 26.29 -12.11
C VAL A 1008 31.96 25.81 -12.47
N ARG A 1009 32.05 24.54 -12.87
CA ARG A 1009 33.29 23.87 -13.22
C ARG A 1009 33.16 23.29 -14.62
N SER A 1010 34.29 23.08 -15.28
CA SER A 1010 34.27 22.40 -16.58
C SER A 1010 35.27 21.25 -16.58
#